data_5W3X
#
_entry.id   5W3X
#
_cell.length_a   45.539
_cell.length_b   87.542
_cell.length_c   87.548
_cell.angle_alpha   71.54
_cell.angle_beta   84.04
_cell.angle_gamma   84.00
#
_symmetry.space_group_name_H-M   'P 1'
#
loop_
_entity.id
_entity.type
_entity.pdbx_description
1 polymer 'PopP2 protein'
2 polymer 'Disease resistance protein RRS1'
3 non-polymer 'INOSITOL HEXAKISPHOSPHATE'
4 non-polymer 'ACETYL COENZYME *A'
5 non-polymer 'ZINC ION'
6 non-polymer GLYCEROL
7 water water
#
loop_
_entity_poly.entity_id
_entity_poly.type
_entity_poly.pdbx_seq_one_letter_code
_entity_poly.pdbx_strand_id
1 'polypeptide(L)'
;SEFELGAPATRSAGQQATVDRLRTQVTGFLSGALGKLQALSAQNMDPELAQFRVLDVDRAIMPLLIVAENARNPGLNLVP
LHMDMAEDEEVRTQPPMAGSRHIAEFVASARPGRYRAVIDDGSHTRAADIRKDASGTSVIVVDPLRKEKDESAYVDYADN
VNMEFGEHAKCAFIPVDIQKSFFDCRILSLSLALKMHDKDDAFAAFHETLRNGGDPSHHVSRAQQTEELGATLVLDGAPL
VDARMMKHGQAASSVSRYLGNHPEQSTVPVNKRNETLGERTTRHLVKRKVRNRADSEGRVTSGETKEITFSNSVEQKRIA
LLNRAASYVNSAPPPVVMRMAKLLQDSLLDTN
;
A,C
2 'polypeptide(L)' SESKVKKVVSIPAIDEGDLWTWRKYGQKDILGSRFPRGYYRCAYKFTHGCKATKQVQRSETDSNMLAITYLSEHNHPRPT B,D
#
# COMPACT_ATOMS: atom_id res chain seq x y z
N GLN A 16 -40.27 -20.09 -34.89
CA GLN A 16 -41.06 -21.17 -34.29
C GLN A 16 -40.57 -22.54 -34.76
N ALA A 17 -40.11 -23.33 -33.80
CA ALA A 17 -39.61 -24.67 -34.04
C ALA A 17 -39.74 -25.48 -32.76
N THR A 18 -39.72 -26.80 -32.87
CA THR A 18 -39.88 -27.66 -31.71
C THR A 18 -38.64 -27.64 -30.84
N VAL A 19 -38.80 -28.10 -29.61
CA VAL A 19 -37.66 -28.21 -28.71
C VAL A 19 -36.62 -29.16 -29.30
N ASP A 20 -37.09 -30.25 -29.92
CA ASP A 20 -36.21 -31.25 -30.49
C ASP A 20 -35.32 -30.69 -31.59
N ARG A 21 -35.94 -29.92 -32.47
CA ARG A 21 -35.23 -29.26 -33.56
C ARG A 21 -34.16 -28.32 -33.02
N LEU A 22 -34.56 -27.46 -32.09
CA LEU A 22 -33.63 -26.49 -31.51
C LEU A 22 -32.46 -27.18 -30.83
N ARG A 23 -32.78 -28.20 -30.02
CA ARG A 23 -31.80 -28.99 -29.32
C ARG A 23 -30.79 -29.52 -30.34
N THR A 24 -31.33 -30.02 -31.45
CA THR A 24 -30.54 -30.57 -32.55
C THR A 24 -29.64 -29.52 -33.19
N GLN A 25 -30.13 -28.29 -33.31
CA GLN A 25 -29.34 -27.25 -33.93
C GLN A 25 -28.21 -26.79 -33.01
N VAL A 26 -28.48 -26.76 -31.71
CA VAL A 26 -27.46 -26.37 -30.73
C VAL A 26 -26.36 -27.45 -30.58
N THR A 27 -26.75 -28.70 -30.29
CA THR A 27 -25.73 -29.75 -30.18
C THR A 27 -25.04 -29.96 -31.51
N GLY A 28 -25.77 -29.78 -32.60
CA GLY A 28 -25.19 -29.96 -33.93
C GLY A 28 -24.12 -28.92 -34.18
N PHE A 29 -24.39 -27.67 -33.81
CA PHE A 29 -23.38 -26.62 -33.92
C PHE A 29 -22.13 -26.99 -33.12
N LEU A 30 -22.35 -27.37 -31.87
CA LEU A 30 -21.24 -27.73 -31.00
C LEU A 30 -20.44 -28.92 -31.56
N SER A 31 -21.14 -29.93 -32.05
CA SER A 31 -20.52 -31.13 -32.58
C SER A 31 -19.73 -30.84 -33.84
N GLY A 32 -20.25 -29.95 -34.68
CA GLY A 32 -19.57 -29.58 -35.90
C GLY A 32 -18.27 -28.87 -35.58
N ALA A 33 -18.34 -27.89 -34.68
CA ALA A 33 -17.13 -27.21 -34.22
C ALA A 33 -16.12 -28.25 -33.74
N LEU A 34 -16.60 -29.14 -32.89
CA LEU A 34 -15.78 -30.21 -32.32
C LEU A 34 -15.11 -31.06 -33.41
N GLY A 35 -15.86 -31.38 -34.46
CA GLY A 35 -15.34 -32.20 -35.54
C GLY A 35 -14.18 -31.49 -36.19
N LYS A 36 -14.36 -30.22 -36.53
CA LYS A 36 -13.27 -29.54 -37.22
C LYS A 36 -12.05 -29.38 -36.31
N LEU A 37 -12.28 -28.97 -35.06
CA LEU A 37 -11.16 -28.69 -34.14
C LEU A 37 -10.38 -29.95 -33.85
N GLN A 38 -11.10 -31.05 -33.69
CA GLN A 38 -10.46 -32.33 -33.43
C GLN A 38 -9.65 -32.81 -34.62
N ALA A 39 -10.19 -32.63 -35.82
CA ALA A 39 -9.43 -32.95 -37.04
C ALA A 39 -8.14 -32.13 -37.08
N LEU A 40 -8.27 -30.83 -36.83
CA LEU A 40 -7.11 -29.93 -36.85
C LEU A 40 -6.05 -30.40 -35.86
N SER A 41 -6.49 -30.69 -34.64
CA SER A 41 -5.57 -31.06 -33.58
C SER A 41 -4.88 -32.39 -33.87
N ALA A 42 -5.65 -33.38 -34.34
CA ALA A 42 -5.10 -34.69 -34.66
C ALA A 42 -4.08 -34.63 -35.78
N GLN A 43 -4.22 -33.66 -36.68
CA GLN A 43 -3.29 -33.52 -37.78
C GLN A 43 -2.21 -32.50 -37.48
N ASN A 44 -2.18 -32.03 -36.25
CA ASN A 44 -1.17 -31.07 -35.81
C ASN A 44 -1.13 -29.83 -36.71
N MET A 45 -2.31 -29.35 -37.10
CA MET A 45 -2.36 -28.16 -37.95
C MET A 45 -2.76 -26.92 -37.15
N ASP A 46 -2.09 -25.82 -37.46
CA ASP A 46 -2.47 -24.53 -36.89
C ASP A 46 -3.76 -24.03 -37.55
N PRO A 47 -4.74 -23.60 -36.73
CA PRO A 47 -6.02 -23.17 -37.31
C PRO A 47 -5.88 -21.96 -38.22
N GLU A 48 -5.06 -20.97 -37.84
CA GLU A 48 -4.92 -19.78 -38.66
C GLU A 48 -4.41 -20.14 -40.05
N LEU A 49 -3.34 -20.94 -40.11
CA LEU A 49 -2.76 -21.33 -41.38
C LEU A 49 -3.73 -22.19 -42.17
N ALA A 50 -4.55 -22.97 -41.47
CA ALA A 50 -5.52 -23.82 -42.14
C ALA A 50 -6.75 -23.01 -42.55
N GLN A 51 -6.71 -21.71 -42.24
CA GLN A 51 -7.80 -20.77 -42.53
C GLN A 51 -9.13 -21.18 -41.92
N PHE A 52 -9.07 -21.80 -40.75
CA PHE A 52 -10.24 -22.05 -39.92
C PHE A 52 -10.52 -20.82 -39.04
N ARG A 53 -11.75 -20.32 -39.06
CA ARG A 53 -12.05 -19.07 -38.39
C ARG A 53 -12.23 -19.24 -36.89
N VAL A 54 -11.12 -19.44 -36.18
CA VAL A 54 -11.15 -19.67 -34.73
C VAL A 54 -11.86 -18.59 -33.97
N LEU A 55 -11.56 -17.34 -34.31
CA LEU A 55 -12.15 -16.20 -33.60
C LEU A 55 -13.69 -16.26 -33.63
N ASP A 56 -14.25 -16.49 -34.81
CA ASP A 56 -15.70 -16.57 -34.98
C ASP A 56 -16.31 -17.72 -34.20
N VAL A 57 -15.74 -18.91 -34.35
CA VAL A 57 -16.26 -20.09 -33.67
C VAL A 57 -16.15 -19.96 -32.15
N ASP A 58 -14.98 -19.57 -31.65
CA ASP A 58 -14.81 -19.33 -30.21
C ASP A 58 -15.87 -18.34 -29.71
N ARG A 59 -16.05 -17.26 -30.45
CA ARG A 59 -17.03 -16.28 -30.05
C ARG A 59 -18.43 -16.91 -29.98
N ALA A 60 -18.75 -17.74 -30.96
CA ALA A 60 -20.07 -18.36 -31.02
C ALA A 60 -20.29 -19.44 -29.95
N ILE A 61 -19.25 -20.21 -29.64
CA ILE A 61 -19.47 -21.29 -28.68
C ILE A 61 -19.43 -20.80 -27.23
N MET A 62 -18.72 -19.70 -26.96
CA MET A 62 -18.50 -19.29 -25.57
C MET A 62 -19.79 -19.15 -24.70
N PRO A 63 -20.87 -18.51 -25.20
CA PRO A 63 -22.07 -18.46 -24.33
C PRO A 63 -22.61 -19.83 -23.95
N LEU A 64 -22.51 -20.74 -24.90
CA LEU A 64 -22.97 -22.10 -24.70
C LEU A 64 -22.12 -22.80 -23.64
N LEU A 65 -20.81 -22.68 -23.78
CA LEU A 65 -19.89 -23.22 -22.78
C LEU A 65 -20.17 -22.67 -21.41
N ILE A 66 -20.49 -21.38 -21.35
CA ILE A 66 -20.73 -20.73 -20.05
C ILE A 66 -22.02 -21.27 -19.41
N VAL A 67 -23.08 -21.41 -20.20
CA VAL A 67 -24.29 -22.01 -19.67
C VAL A 67 -24.01 -23.39 -19.10
N ALA A 68 -23.32 -24.19 -19.89
CA ALA A 68 -23.04 -25.57 -19.51
C ALA A 68 -22.17 -25.64 -18.26
N GLU A 69 -21.13 -24.83 -18.19
CA GLU A 69 -20.23 -24.89 -17.07
C GLU A 69 -20.93 -24.39 -15.82
N ASN A 70 -21.82 -23.43 -15.98
CA ASN A 70 -22.59 -22.95 -14.83
C ASN A 70 -23.50 -24.05 -14.29
N ALA A 71 -24.08 -24.85 -15.18
CA ALA A 71 -24.90 -25.97 -14.69
C ALA A 71 -24.05 -27.08 -14.08
N ARG A 72 -22.88 -27.31 -14.66
CA ARG A 72 -22.00 -28.39 -14.25
C ARG A 72 -21.32 -28.11 -12.90
N ASN A 73 -21.23 -26.83 -12.52
CA ASN A 73 -20.59 -26.41 -11.27
C ASN A 73 -21.41 -25.35 -10.56
N PRO A 74 -22.42 -25.77 -9.78
CA PRO A 74 -23.25 -24.80 -9.07
C PRO A 74 -22.41 -23.87 -8.21
N GLY A 75 -22.63 -22.56 -8.35
CA GLY A 75 -21.84 -21.60 -7.60
C GLY A 75 -20.72 -20.97 -8.39
N LEU A 76 -20.44 -21.50 -9.58
CA LEU A 76 -19.46 -20.88 -10.45
C LEU A 76 -19.91 -19.47 -10.77
N ASN A 77 -21.18 -19.33 -11.15
CA ASN A 77 -21.78 -18.02 -11.34
C ASN A 77 -21.03 -17.18 -12.33
N LEU A 78 -20.75 -17.78 -13.47
CA LEU A 78 -19.94 -17.15 -14.50
C LEU A 78 -20.79 -16.29 -15.40
N VAL A 79 -20.34 -15.07 -15.63
CA VAL A 79 -21.10 -14.12 -16.42
C VAL A 79 -20.19 -13.48 -17.46
N PRO A 80 -20.67 -13.37 -18.70
CA PRO A 80 -19.89 -12.65 -19.71
C PRO A 80 -20.10 -11.16 -19.65
N LEU A 81 -19.00 -10.42 -19.47
CA LEU A 81 -19.06 -8.95 -19.40
C LEU A 81 -18.18 -8.35 -20.48
N HIS A 82 -18.43 -7.08 -20.78
CA HIS A 82 -17.59 -6.37 -21.73
C HIS A 82 -17.42 -4.91 -21.32
N MET A 83 -16.40 -4.28 -21.91
CA MET A 83 -16.03 -2.90 -21.58
C MET A 83 -16.48 -1.96 -22.69
N ASP A 84 -16.30 -0.66 -22.46
CA ASP A 84 -16.64 0.39 -23.43
C ASP A 84 -16.18 0.10 -24.86
N MET A 85 -14.90 -0.25 -25.02
CA MET A 85 -14.35 -0.44 -26.36
C MET A 85 -15.06 -1.56 -27.11
N ALA A 86 -15.60 -2.53 -26.38
CA ALA A 86 -16.32 -3.64 -27.01
C ALA A 86 -17.61 -3.20 -27.71
N GLU A 87 -18.03 -1.96 -27.45
CA GLU A 87 -19.24 -1.44 -28.09
C GLU A 87 -18.92 -0.50 -29.23
N ASP A 88 -17.62 -0.30 -29.48
CA ASP A 88 -17.16 0.58 -30.55
C ASP A 88 -16.85 -0.22 -31.82
N GLU A 89 -17.74 -0.17 -32.81
CA GLU A 89 -17.58 -0.92 -34.06
C GLU A 89 -16.29 -0.60 -34.80
N GLU A 90 -15.74 0.58 -34.57
CA GLU A 90 -14.56 1.01 -35.30
C GLU A 90 -13.23 0.50 -34.72
N VAL A 91 -13.26 0.06 -33.46
CA VAL A 91 -12.02 -0.39 -32.81
C VAL A 91 -12.01 -1.86 -32.49
N ARG A 92 -13.15 -2.37 -32.06
CA ARG A 92 -13.22 -3.74 -31.58
C ARG A 92 -12.85 -4.73 -32.68
N THR A 93 -12.29 -5.87 -32.28
CA THR A 93 -11.97 -6.93 -33.21
C THR A 93 -13.23 -7.64 -33.68
N GLN A 94 -14.16 -7.88 -32.75
CA GLN A 94 -15.49 -8.39 -33.11
C GLN A 94 -16.50 -7.97 -32.03
N PRO A 95 -17.82 -8.09 -32.32
CA PRO A 95 -18.79 -7.71 -31.27
C PRO A 95 -18.62 -8.60 -30.05
N PRO A 96 -19.06 -8.12 -28.88
CA PRO A 96 -19.07 -8.98 -27.69
C PRO A 96 -19.94 -10.22 -27.93
N MET A 97 -19.67 -11.29 -27.21
CA MET A 97 -20.44 -12.51 -27.42
C MET A 97 -21.90 -12.30 -27.08
N ALA A 98 -22.75 -13.23 -27.52
CA ALA A 98 -24.18 -13.13 -27.26
C ALA A 98 -24.45 -13.15 -25.76
N GLY A 99 -25.31 -12.25 -25.29
CA GLY A 99 -25.69 -12.21 -23.89
C GLY A 99 -24.71 -11.47 -22.98
N SER A 100 -23.64 -10.92 -23.57
CA SER A 100 -22.67 -10.15 -22.79
C SER A 100 -23.29 -8.86 -22.24
N ARG A 101 -22.94 -8.50 -21.01
CA ARG A 101 -23.43 -7.24 -20.43
C ARG A 101 -22.27 -6.29 -20.15
N HIS A 102 -22.51 -5.00 -20.37
CA HIS A 102 -21.50 -3.98 -20.01
C HIS A 102 -21.20 -4.07 -18.53
N ILE A 103 -19.92 -4.01 -18.18
CA ILE A 103 -19.47 -4.02 -16.78
C ILE A 103 -20.28 -3.07 -15.88
N ALA A 104 -20.50 -1.86 -16.34
CA ALA A 104 -21.15 -0.83 -15.50
C ALA A 104 -22.63 -1.18 -15.23
N GLU A 105 -23.27 -1.80 -16.22
CA GLU A 105 -24.67 -2.23 -16.05
C GLU A 105 -24.73 -3.36 -15.03
N PHE A 106 -23.77 -4.27 -15.11
CA PHE A 106 -23.68 -5.37 -14.17
C PHE A 106 -23.45 -4.89 -12.74
N VAL A 107 -22.48 -4.00 -12.55
CA VAL A 107 -22.19 -3.53 -11.20
C VAL A 107 -23.36 -2.71 -10.65
N ALA A 108 -24.08 -2.00 -11.52
CA ALA A 108 -25.27 -1.26 -11.07
C ALA A 108 -26.43 -2.18 -10.70
N SER A 109 -26.60 -3.29 -11.42
CA SER A 109 -27.87 -3.99 -11.28
C SER A 109 -27.84 -5.43 -10.75
N ALA A 110 -26.67 -6.06 -10.72
CA ALA A 110 -26.63 -7.47 -10.34
C ALA A 110 -26.97 -7.66 -8.87
N ARG A 111 -27.63 -8.78 -8.56
CA ARG A 111 -27.83 -9.20 -7.17
C ARG A 111 -26.50 -9.30 -6.42
N PRO A 112 -26.54 -9.09 -5.10
CA PRO A 112 -25.30 -9.31 -4.33
C PRO A 112 -24.89 -10.76 -4.44
N GLY A 113 -23.61 -11.01 -4.35
CA GLY A 113 -23.14 -12.38 -4.42
C GLY A 113 -21.74 -12.43 -4.96
N ARG A 114 -21.32 -13.65 -5.28
CA ARG A 114 -20.00 -13.95 -5.77
C ARG A 114 -20.12 -14.40 -7.23
N TYR A 115 -19.37 -13.79 -8.13
CA TYR A 115 -19.47 -14.13 -9.55
C TYR A 115 -18.09 -14.45 -10.11
N ARG A 116 -18.05 -15.26 -11.16
CA ARG A 116 -16.88 -15.31 -12.03
C ARG A 116 -17.29 -14.59 -13.31
N ALA A 117 -16.32 -14.08 -14.05
CA ALA A 117 -16.62 -13.39 -15.30
C ALA A 117 -15.56 -13.64 -16.34
N VAL A 118 -15.96 -13.59 -17.60
CA VAL A 118 -14.98 -13.37 -18.66
C VAL A 118 -15.29 -11.97 -19.18
N ILE A 119 -14.26 -11.15 -19.23
CA ILE A 119 -14.39 -9.74 -19.58
C ILE A 119 -13.72 -9.43 -20.89
N ASP A 120 -14.53 -9.00 -21.85
CA ASP A 120 -14.06 -8.66 -23.19
C ASP A 120 -13.82 -7.15 -23.27
N ASP A 121 -12.57 -6.76 -23.56
CA ASP A 121 -12.23 -5.34 -23.54
C ASP A 121 -12.34 -4.73 -24.92
N GLY A 122 -12.85 -5.52 -25.86
CA GLY A 122 -12.96 -5.09 -27.24
C GLY A 122 -12.00 -5.84 -28.15
N SER A 123 -10.85 -6.20 -27.61
CA SER A 123 -9.81 -6.89 -28.40
C SER A 123 -9.30 -8.15 -27.73
N HIS A 124 -9.54 -8.25 -26.42
CA HIS A 124 -8.93 -9.28 -25.60
C HIS A 124 -9.86 -9.65 -24.45
N THR A 125 -9.88 -10.93 -24.09
CA THR A 125 -10.71 -11.42 -23.00
C THR A 125 -9.90 -11.90 -21.80
N ARG A 126 -10.30 -11.46 -20.61
CA ARG A 126 -9.65 -11.83 -19.35
C ARG A 126 -10.61 -12.54 -18.42
N ALA A 127 -10.08 -13.15 -17.36
CA ALA A 127 -10.93 -13.77 -16.36
C ALA A 127 -11.08 -12.83 -15.16
N ALA A 128 -12.18 -12.95 -14.41
CA ALA A 128 -12.30 -12.16 -13.18
C ALA A 128 -13.12 -12.89 -12.14
N ASP A 129 -12.79 -12.62 -10.89
CA ASP A 129 -13.56 -13.07 -9.75
C ASP A 129 -14.12 -11.82 -9.05
N ILE A 130 -15.45 -11.70 -9.00
CA ILE A 130 -16.13 -10.50 -8.51
C ILE A 130 -16.92 -10.78 -7.26
N ARG A 131 -16.83 -9.86 -6.29
CA ARG A 131 -17.64 -9.95 -5.10
C ARG A 131 -18.46 -8.68 -5.00
N LYS A 132 -19.77 -8.82 -4.98
CA LYS A 132 -20.63 -7.64 -4.80
C LYS A 132 -21.47 -7.78 -3.54
N ASP A 133 -21.48 -6.75 -2.70
CA ASP A 133 -22.44 -6.70 -1.62
C ASP A 133 -22.84 -5.28 -1.32
N ALA A 134 -23.57 -5.09 -0.23
CA ALA A 134 -24.13 -3.79 0.10
C ALA A 134 -23.04 -2.77 0.36
N SER A 135 -21.84 -3.22 0.72
CA SER A 135 -20.79 -2.24 1.02
C SER A 135 -19.94 -1.95 -0.22
N GLY A 136 -20.16 -2.70 -1.31
CA GLY A 136 -19.49 -2.34 -2.54
C GLY A 136 -19.11 -3.54 -3.39
N THR A 137 -18.37 -3.27 -4.46
CA THR A 137 -17.88 -4.29 -5.38
C THR A 137 -16.36 -4.37 -5.39
N SER A 138 -15.83 -5.59 -5.37
CA SER A 138 -14.40 -5.79 -5.58
C SER A 138 -14.18 -6.80 -6.70
N VAL A 139 -13.10 -6.63 -7.46
CA VAL A 139 -12.82 -7.56 -8.54
C VAL A 139 -11.35 -7.88 -8.60
N ILE A 140 -11.07 -9.17 -8.79
CA ILE A 140 -9.74 -9.66 -9.04
C ILE A 140 -9.69 -10.15 -10.48
N VAL A 141 -8.93 -9.44 -11.32
CA VAL A 141 -8.80 -9.73 -12.72
C VAL A 141 -7.51 -10.49 -13.00
N VAL A 142 -7.64 -11.63 -13.68
CA VAL A 142 -6.48 -12.41 -14.12
C VAL A 142 -6.45 -12.45 -15.64
N ASP A 143 -5.41 -11.84 -16.21
CA ASP A 143 -5.21 -11.73 -17.66
C ASP A 143 -4.24 -12.82 -18.09
N PRO A 144 -4.68 -13.72 -19.00
CA PRO A 144 -3.80 -14.82 -19.40
C PRO A 144 -2.67 -14.37 -20.32
N LEU A 145 -2.68 -13.10 -20.70
CA LEU A 145 -1.69 -12.58 -21.62
C LEU A 145 -0.76 -11.63 -20.89
N ARG A 146 0.53 -11.72 -21.08
CA ARG A 146 1.50 -10.79 -20.52
C ARG A 146 2.51 -10.47 -21.59
N LYS A 147 2.14 -9.54 -22.44
CA LYS A 147 2.86 -9.24 -23.65
C LYS A 147 3.68 -7.95 -23.57
N GLU A 148 3.39 -7.08 -22.60
CA GLU A 148 4.15 -5.84 -22.45
C GLU A 148 5.61 -6.11 -22.05
N LYS A 149 6.55 -5.52 -22.78
CA LYS A 149 7.96 -5.61 -22.39
C LYS A 149 8.19 -4.79 -21.12
N ASP A 150 7.59 -3.61 -21.09
CA ASP A 150 7.71 -2.70 -19.95
C ASP A 150 6.55 -2.91 -18.97
N GLU A 151 6.86 -3.57 -17.85
CA GLU A 151 5.87 -3.89 -16.82
C GLU A 151 5.12 -2.67 -16.26
N SER A 152 5.75 -1.51 -16.25
CA SER A 152 5.06 -0.30 -15.78
C SER A 152 3.79 -0.05 -16.60
N ALA A 153 3.74 -0.58 -17.82
CA ALA A 153 2.56 -0.45 -18.68
C ALA A 153 1.29 -0.93 -17.98
N TYR A 154 1.44 -1.96 -17.15
CA TYR A 154 0.25 -2.57 -16.57
C TYR A 154 -0.44 -1.66 -15.54
N VAL A 155 0.27 -0.65 -15.05
CA VAL A 155 -0.36 0.35 -14.20
C VAL A 155 -1.56 0.88 -14.96
N ASP A 156 -1.33 1.23 -16.23
CA ASP A 156 -2.39 1.75 -17.07
C ASP A 156 -3.55 0.74 -17.15
N TYR A 157 -3.21 -0.51 -17.43
CA TYR A 157 -4.24 -1.54 -17.62
C TYR A 157 -5.08 -1.62 -16.36
N ALA A 158 -4.40 -1.59 -15.21
CA ALA A 158 -5.11 -1.79 -13.96
C ALA A 158 -6.09 -0.64 -13.81
N ASP A 159 -5.59 0.57 -14.07
CA ASP A 159 -6.42 1.75 -13.92
C ASP A 159 -7.63 1.63 -14.86
N ASN A 160 -7.37 1.15 -16.08
CA ASN A 160 -8.45 1.02 -17.07
C ASN A 160 -9.55 0.14 -16.50
N VAL A 161 -9.19 -1.00 -15.94
CA VAL A 161 -10.26 -1.92 -15.59
C VAL A 161 -10.98 -1.28 -14.41
N ASN A 162 -10.20 -0.62 -13.53
CA ASN A 162 -10.82 -0.05 -12.34
C ASN A 162 -11.81 1.01 -12.77
N MET A 163 -11.46 1.81 -13.78
CA MET A 163 -12.36 2.94 -13.96
C MET A 163 -13.62 2.46 -14.67
N GLU A 164 -13.61 1.25 -15.22
CA GLU A 164 -14.83 0.75 -15.83
C GLU A 164 -15.72 0.12 -14.76
N PHE A 165 -15.13 -0.39 -13.69
CA PHE A 165 -15.95 -0.92 -12.59
C PHE A 165 -16.43 0.21 -11.68
N GLY A 166 -15.83 1.39 -11.84
CA GLY A 166 -16.14 2.54 -11.02
C GLY A 166 -15.06 2.80 -9.98
N GLU A 167 -14.71 4.08 -9.82
CA GLU A 167 -13.70 4.52 -8.84
C GLU A 167 -13.77 3.84 -7.48
N HIS A 168 -14.96 3.56 -6.99
CA HIS A 168 -15.09 3.08 -5.63
C HIS A 168 -15.00 1.57 -5.53
N ALA A 169 -14.99 0.91 -6.66
CA ALA A 169 -14.78 -0.53 -6.68
C ALA A 169 -13.31 -0.81 -6.39
N LYS A 170 -13.07 -1.82 -5.58
CA LYS A 170 -11.71 -2.22 -5.31
C LYS A 170 -11.26 -3.23 -6.36
N CYS A 171 -10.07 -3.03 -6.92
CA CYS A 171 -9.66 -3.82 -8.07
C CYS A 171 -8.23 -4.31 -7.94
N ALA A 172 -8.01 -5.58 -8.28
CA ALA A 172 -6.66 -6.10 -8.49
C ALA A 172 -6.54 -6.58 -9.93
N PHE A 173 -5.39 -6.30 -10.52
CA PHE A 173 -5.14 -6.71 -11.91
C PHE A 173 -3.88 -7.58 -11.95
N ILE A 174 -4.01 -8.81 -12.47
CA ILE A 174 -2.94 -9.79 -12.42
C ILE A 174 -2.62 -10.38 -13.80
N PRO A 175 -1.63 -9.82 -14.49
CA PRO A 175 -1.27 -10.36 -15.81
C PRO A 175 -0.37 -11.59 -15.66
N VAL A 176 -0.69 -12.65 -16.38
CA VAL A 176 0.06 -13.89 -16.27
C VAL A 176 0.53 -14.32 -17.65
N ASP A 177 1.73 -14.88 -17.73
CA ASP A 177 2.30 -15.26 -19.02
C ASP A 177 1.84 -16.67 -19.43
N ILE A 178 0.61 -16.77 -19.93
CA ILE A 178 0.04 -18.06 -20.32
C ILE A 178 -0.16 -18.12 -21.83
N GLN A 179 -0.86 -17.13 -22.34
CA GLN A 179 -1.23 -17.07 -23.74
C GLN A 179 -0.09 -16.64 -24.67
N LYS A 180 0.13 -17.38 -25.74
CA LYS A 180 1.09 -16.94 -26.72
C LYS A 180 0.46 -16.68 -28.09
N SER A 181 -0.70 -17.27 -28.35
CA SER A 181 -1.41 -17.07 -29.62
C SER A 181 -2.27 -15.82 -29.63
N PHE A 182 -2.83 -15.49 -30.79
CA PHE A 182 -3.69 -14.31 -30.89
C PHE A 182 -5.16 -14.61 -30.56
N PHE A 183 -5.51 -15.88 -30.37
CA PHE A 183 -6.94 -16.22 -30.29
C PHE A 183 -7.36 -17.03 -29.05
N ASP A 184 -6.42 -17.51 -28.26
CA ASP A 184 -6.78 -18.44 -27.18
C ASP A 184 -7.29 -17.79 -25.88
N CYS A 185 -7.37 -16.47 -25.85
CA CYS A 185 -7.78 -15.77 -24.61
C CYS A 185 -9.13 -16.23 -24.05
N ARG A 186 -10.13 -16.50 -24.90
CA ARG A 186 -11.44 -16.84 -24.38
C ARG A 186 -11.44 -18.16 -23.63
N ILE A 187 -10.86 -19.21 -24.24
CA ILE A 187 -10.82 -20.49 -23.56
C ILE A 187 -9.92 -20.45 -22.32
N LEU A 188 -8.77 -19.79 -22.42
CA LEU A 188 -7.87 -19.62 -21.28
C LEU A 188 -8.57 -18.92 -20.11
N SER A 189 -9.35 -17.88 -20.42
CA SER A 189 -10.07 -17.11 -19.39
C SER A 189 -11.18 -17.94 -18.77
N LEU A 190 -11.88 -18.70 -19.60
CA LEU A 190 -12.88 -19.63 -19.08
C LEU A 190 -12.25 -20.61 -18.09
N SER A 191 -11.10 -21.17 -18.48
CA SER A 191 -10.40 -22.12 -17.62
C SER A 191 -9.97 -21.46 -16.30
N LEU A 192 -9.45 -20.25 -16.41
CA LEU A 192 -9.04 -19.48 -15.22
C LEU A 192 -10.22 -19.25 -14.29
N ALA A 193 -11.39 -18.98 -14.86
CA ALA A 193 -12.58 -18.74 -14.03
C ALA A 193 -12.97 -20.01 -13.29
N LEU A 194 -12.88 -21.14 -13.98
CA LEU A 194 -13.15 -22.41 -13.32
C LEU A 194 -12.19 -22.62 -12.15
N LYS A 195 -10.94 -22.26 -12.35
CA LYS A 195 -9.95 -22.44 -11.28
C LYS A 195 -10.20 -21.47 -10.12
N MET A 196 -10.71 -20.27 -10.42
CA MET A 196 -11.05 -19.29 -9.39
C MET A 196 -12.13 -19.85 -8.49
N HIS A 197 -13.16 -20.40 -9.12
CA HIS A 197 -14.22 -21.09 -8.39
C HIS A 197 -13.61 -22.21 -7.53
N ASP A 198 -12.71 -22.98 -8.12
CA ASP A 198 -12.01 -24.06 -7.41
C ASP A 198 -11.25 -23.54 -6.18
N LYS A 199 -10.66 -22.35 -6.30
CA LYS A 199 -9.93 -21.74 -5.20
C LYS A 199 -10.77 -20.62 -4.61
N ASP A 200 -12.06 -20.86 -4.47
CA ASP A 200 -13.01 -19.81 -4.04
C ASP A 200 -12.53 -19.13 -2.76
N ASP A 201 -12.10 -19.92 -1.77
CA ASP A 201 -11.63 -19.37 -0.49
C ASP A 201 -10.45 -18.42 -0.61
N ALA A 202 -9.46 -18.76 -1.44
CA ALA A 202 -8.24 -17.96 -1.51
C ALA A 202 -8.51 -16.61 -2.15
N PHE A 203 -9.39 -16.64 -3.15
CA PHE A 203 -9.78 -15.41 -3.81
C PHE A 203 -10.66 -14.57 -2.90
N ALA A 204 -11.51 -15.22 -2.11
CA ALA A 204 -12.33 -14.51 -1.13
C ALA A 204 -11.44 -13.79 -0.10
N ALA A 205 -10.38 -14.47 0.33
CA ALA A 205 -9.43 -13.88 1.26
C ALA A 205 -8.79 -12.63 0.64
N PHE A 206 -8.39 -12.73 -0.63
CA PHE A 206 -7.85 -11.55 -1.31
C PHE A 206 -8.87 -10.41 -1.44
N HIS A 207 -10.13 -10.74 -1.76
CA HIS A 207 -11.19 -9.74 -1.82
C HIS A 207 -11.28 -8.99 -0.48
N GLU A 208 -11.29 -9.75 0.61
CA GLU A 208 -11.44 -9.14 1.94
C GLU A 208 -10.27 -8.19 2.17
N THR A 209 -9.08 -8.62 1.75
CA THR A 209 -7.89 -7.79 1.91
C THR A 209 -7.96 -6.50 1.07
N LEU A 210 -8.47 -6.60 -0.16
CA LEU A 210 -8.64 -5.44 -1.01
C LEU A 210 -9.62 -4.43 -0.40
N ARG A 211 -10.69 -4.96 0.19
CA ARG A 211 -11.73 -4.11 0.74
C ARG A 211 -11.26 -3.44 2.03
N ASN A 212 -10.48 -4.16 2.83
CA ASN A 212 -9.96 -3.57 4.08
C ASN A 212 -8.69 -2.73 3.88
N GLY A 213 -8.18 -2.69 2.66
CA GLY A 213 -6.99 -1.93 2.36
C GLY A 213 -5.77 -2.49 3.07
N GLY A 214 -5.76 -3.81 3.26
CA GLY A 214 -4.68 -4.46 4.00
C GLY A 214 -3.42 -4.77 3.19
N ASP A 215 -2.47 -5.43 3.83
CA ASP A 215 -1.23 -5.85 3.20
C ASP A 215 -1.48 -7.06 2.28
N PRO A 216 -1.27 -6.89 0.97
CA PRO A 216 -1.53 -7.98 0.00
C PRO A 216 -0.36 -8.96 -0.13
N SER A 217 0.77 -8.66 0.52
CA SER A 217 2.00 -9.44 0.33
C SER A 217 1.88 -10.83 0.93
N HIS A 218 0.85 -11.05 1.73
CA HIS A 218 0.53 -12.37 2.26
C HIS A 218 -0.21 -13.24 1.23
N HIS A 219 -0.78 -12.60 0.21
CA HIS A 219 -1.62 -13.31 -0.78
C HIS A 219 -0.93 -13.53 -2.10
N VAL A 220 -0.09 -12.57 -2.47
CA VAL A 220 0.60 -12.58 -3.74
C VAL A 220 2.06 -12.14 -3.49
N SER A 221 2.93 -12.37 -4.47
CA SER A 221 4.37 -12.15 -4.32
C SER A 221 4.79 -10.73 -4.64
N ARG A 222 4.25 -10.17 -5.72
CA ARG A 222 4.54 -8.79 -6.12
C ARG A 222 3.24 -8.02 -6.32
N ALA A 223 3.11 -6.90 -5.61
CA ALA A 223 1.90 -6.09 -5.67
C ALA A 223 2.19 -4.65 -5.28
N GLN A 224 1.51 -3.71 -5.91
CA GLN A 224 1.56 -2.32 -5.50
C GLN A 224 0.29 -1.61 -5.93
N GLN A 225 -0.03 -0.49 -5.29
CA GLN A 225 -1.21 0.30 -5.68
C GLN A 225 -0.82 1.32 -6.73
N THR A 226 -1.70 1.54 -7.69
CA THR A 226 -1.46 2.54 -8.71
C THR A 226 -1.73 3.93 -8.16
N GLU A 227 -1.11 4.94 -8.75
CA GLU A 227 -1.16 6.29 -8.21
C GLU A 227 -2.52 6.94 -8.50
N GLU A 228 -3.08 6.68 -9.68
CA GLU A 228 -4.27 7.43 -10.09
C GLU A 228 -5.57 6.83 -9.53
N LEU A 229 -5.70 5.51 -9.55
CA LEU A 229 -6.95 4.90 -9.08
C LEU A 229 -6.76 4.07 -7.81
N GLY A 230 -5.52 3.85 -7.40
CA GLY A 230 -5.28 3.03 -6.23
C GLY A 230 -5.60 1.56 -6.44
N ALA A 231 -5.74 1.16 -7.70
CA ALA A 231 -5.90 -0.26 -8.07
C ALA A 231 -4.66 -1.04 -7.60
N THR A 232 -4.85 -2.31 -7.23
CA THR A 232 -3.71 -3.14 -6.86
C THR A 232 -3.18 -3.89 -8.07
N LEU A 233 -2.04 -3.44 -8.58
CA LEU A 233 -1.38 -4.12 -9.68
C LEU A 233 -0.51 -5.25 -9.15
N VAL A 234 -0.78 -6.47 -9.60
CA VAL A 234 -0.04 -7.63 -9.11
C VAL A 234 0.87 -8.14 -10.22
N LEU A 235 2.16 -7.84 -10.12
CA LEU A 235 3.07 -8.27 -11.18
C LEU A 235 3.57 -9.70 -10.94
N ASP A 236 3.18 -10.29 -9.81
CA ASP A 236 3.47 -11.70 -9.59
C ASP A 236 2.43 -12.27 -8.63
N GLY A 237 1.50 -13.04 -9.18
CA GLY A 237 0.33 -13.49 -8.43
C GLY A 237 0.46 -14.77 -7.64
N ALA A 238 1.60 -15.44 -7.74
CA ALA A 238 1.82 -16.61 -6.90
C ALA A 238 1.94 -16.15 -5.45
N PRO A 239 1.40 -16.94 -4.49
CA PRO A 239 0.80 -18.27 -4.61
C PRO A 239 -0.70 -18.31 -4.93
N LEU A 240 -1.35 -17.15 -5.02
CA LEU A 240 -2.76 -17.12 -5.40
C LEU A 240 -2.92 -17.70 -6.80
N VAL A 241 -2.10 -17.21 -7.71
CA VAL A 241 -2.01 -17.86 -9.02
C VAL A 241 -1.15 -19.13 -8.87
N ASP A 242 -1.85 -20.19 -8.66
CA ASP A 242 -1.00 -21.33 -8.40
CA ASP A 242 -1.42 -21.66 -8.53
C ASP A 242 -0.75 -22.35 -9.68
N ALA A 243 -0.13 -23.44 -9.36
CA ALA A 243 0.35 -24.33 -10.41
C ALA A 243 -0.81 -24.70 -11.32
N ARG A 244 -1.95 -25.02 -10.71
CA ARG A 244 -3.15 -25.43 -11.45
C ARG A 244 -3.68 -24.33 -12.38
N MET A 245 -3.35 -23.07 -12.10
CA MET A 245 -3.78 -21.98 -12.98
C MET A 245 -2.81 -21.75 -14.12
N MET A 246 -1.64 -22.38 -14.05
CA MET A 246 -0.66 -22.29 -15.12
C MET A 246 -0.69 -23.49 -16.08
N LYS A 247 -1.63 -24.40 -15.89
CA LYS A 247 -1.62 -25.67 -16.65
C LYS A 247 -1.68 -25.50 -18.18
N HIS A 248 -2.28 -24.41 -18.65
CA HIS A 248 -2.48 -24.28 -20.10
C HIS A 248 -1.50 -23.29 -20.72
N GLY A 249 -0.45 -22.94 -19.96
CA GLY A 249 0.63 -22.12 -20.47
C GLY A 249 1.14 -22.72 -21.76
N GLN A 250 1.20 -21.90 -22.80
CA GLN A 250 1.53 -22.41 -24.14
C GLN A 250 3.03 -22.53 -24.39
N ALA A 251 3.82 -21.65 -23.76
CA ALA A 251 5.28 -21.80 -23.92
C ALA A 251 5.89 -22.52 -22.73
N ALA A 252 6.59 -23.62 -23.00
CA ALA A 252 7.36 -24.32 -21.97
C ALA A 252 8.24 -23.33 -21.18
N SER A 253 8.80 -22.34 -21.87
CA SER A 253 9.70 -21.38 -21.20
C SER A 253 8.95 -20.56 -20.13
N SER A 254 7.68 -20.26 -20.38
CA SER A 254 6.85 -19.52 -19.40
C SER A 254 6.58 -20.34 -18.15
N VAL A 255 6.25 -21.62 -18.38
CA VAL A 255 5.98 -22.54 -17.29
C VAL A 255 7.25 -22.78 -16.44
N SER A 256 8.38 -23.03 -17.09
CA SER A 256 9.59 -23.26 -16.31
C SER A 256 10.06 -21.97 -15.63
N ARG A 257 9.86 -20.81 -16.24
CA ARG A 257 10.18 -19.55 -15.55
C ARG A 257 9.31 -19.37 -14.30
N TYR A 258 8.04 -19.72 -14.41
CA TYR A 258 7.15 -19.70 -13.25
C TYR A 258 7.64 -20.61 -12.15
N LEU A 259 7.90 -21.87 -12.52
CA LEU A 259 8.35 -22.85 -11.53
C LEU A 259 9.70 -22.49 -10.92
N GLY A 260 10.57 -21.87 -11.72
CA GLY A 260 11.88 -21.48 -11.25
C GLY A 260 11.69 -20.36 -10.24
N ASN A 261 10.71 -19.49 -10.49
CA ASN A 261 10.40 -18.41 -9.55
C ASN A 261 9.66 -18.87 -8.28
N HIS A 262 8.91 -19.96 -8.39
CA HIS A 262 8.15 -20.48 -7.25
C HIS A 262 8.29 -22.00 -7.11
N PRO A 263 9.47 -22.44 -6.62
CA PRO A 263 9.81 -23.87 -6.58
C PRO A 263 8.79 -24.70 -5.82
N GLU A 264 8.14 -24.12 -4.82
CA GLU A 264 7.11 -24.81 -4.06
C GLU A 264 5.97 -25.29 -4.97
N GLN A 265 5.80 -24.63 -6.11
CA GLN A 265 4.76 -25.02 -7.06
C GLN A 265 5.14 -26.23 -7.89
N SER A 266 6.42 -26.56 -7.89
CA SER A 266 6.94 -27.59 -8.81
C SER A 266 6.60 -29.00 -8.36
N THR A 267 6.17 -29.19 -7.12
CA THR A 267 5.99 -30.55 -6.61
C THR A 267 4.53 -30.95 -6.41
N VAL A 268 3.62 -29.99 -6.56
CA VAL A 268 2.22 -30.31 -6.37
C VAL A 268 1.62 -30.97 -7.60
N PRO A 269 0.80 -32.00 -7.40
CA PRO A 269 0.06 -32.64 -8.49
C PRO A 269 -0.97 -31.66 -9.03
N VAL A 270 -1.08 -31.52 -10.34
CA VAL A 270 -2.05 -30.60 -10.92
C VAL A 270 -3.25 -31.35 -11.50
N ASN A 271 -3.24 -32.66 -11.36
CA ASN A 271 -4.38 -33.51 -11.74
C ASN A 271 -4.36 -34.84 -11.00
N LYS A 272 -5.33 -35.70 -11.30
CA LYS A 272 -5.45 -36.99 -10.61
C LYS A 272 -4.51 -38.04 -11.18
N ARG A 273 -3.78 -37.69 -12.24
CA ARG A 273 -2.75 -38.56 -12.82
C ARG A 273 -1.44 -38.36 -12.07
N ASN A 274 -1.48 -37.44 -11.10
CA ASN A 274 -0.33 -37.09 -10.27
C ASN A 274 0.84 -36.52 -11.05
N GLU A 275 0.56 -35.83 -12.16
CA GLU A 275 1.58 -35.08 -12.87
C GLU A 275 1.86 -33.75 -12.17
N THR A 276 3.12 -33.32 -12.15
CA THR A 276 3.44 -31.96 -11.76
C THR A 276 3.14 -31.06 -12.94
N LEU A 277 3.24 -29.75 -12.72
CA LEU A 277 3.08 -28.82 -13.82
C LEU A 277 4.10 -29.08 -14.94
N GLY A 278 5.37 -29.14 -14.57
CA GLY A 278 6.42 -29.44 -15.53
C GLY A 278 6.15 -30.66 -16.40
N GLU A 279 5.81 -31.77 -15.75
CA GLU A 279 5.55 -33.04 -16.44
C GLU A 279 4.36 -32.94 -17.38
N ARG A 280 3.27 -32.36 -16.89
CA ARG A 280 2.06 -32.26 -17.70
C ARG A 280 2.31 -31.40 -18.93
N THR A 281 3.01 -30.28 -18.73
CA THR A 281 3.36 -29.41 -19.86
C THR A 281 4.26 -30.12 -20.89
N THR A 282 5.24 -30.88 -20.42
CA THR A 282 6.09 -31.54 -21.40
C THR A 282 5.31 -32.59 -22.18
N ARG A 283 4.36 -33.27 -21.52
CA ARG A 283 3.53 -34.25 -22.23
C ARG A 283 2.72 -33.63 -23.39
N HIS A 284 2.34 -32.36 -23.24
CA HIS A 284 1.55 -31.66 -24.24
C HIS A 284 2.34 -30.93 -25.34
N LEU A 285 3.67 -30.99 -25.27
CA LEU A 285 4.52 -30.34 -26.26
C LEU A 285 4.32 -30.90 -27.67
N VAL A 286 4.12 -30.00 -28.62
CA VAL A 286 4.06 -30.37 -30.03
C VAL A 286 4.93 -29.38 -30.78
N LYS A 287 5.35 -29.78 -31.98
CA LYS A 287 6.12 -28.92 -32.84
C LYS A 287 5.31 -28.68 -34.10
N ARG A 288 5.17 -27.41 -34.49
CA ARG A 288 4.50 -27.15 -35.76
C ARG A 288 4.59 -25.75 -36.32
N LYS A 289 4.12 -25.62 -37.55
CA LYS A 289 4.17 -24.37 -38.27
C LYS A 289 3.02 -23.45 -37.88
N VAL A 290 3.35 -22.20 -37.64
CA VAL A 290 2.39 -21.16 -37.37
C VAL A 290 2.82 -19.95 -38.18
N ARG A 291 1.94 -18.96 -38.32
CA ARG A 291 2.32 -17.73 -39.01
C ARG A 291 3.50 -17.08 -38.32
N ASN A 292 4.47 -16.63 -39.11
CA ASN A 292 5.63 -15.95 -38.57
C ASN A 292 5.15 -14.62 -38.01
N ARG A 293 5.49 -14.34 -36.76
CA ARG A 293 5.13 -13.08 -36.14
C ARG A 293 6.36 -12.56 -35.44
N ALA A 294 6.40 -11.25 -35.23
CA ALA A 294 7.48 -10.61 -34.51
C ALA A 294 7.58 -11.17 -33.08
N ASP A 295 8.80 -11.16 -32.54
CA ASP A 295 9.05 -11.59 -31.16
C ASP A 295 8.94 -10.41 -30.19
N SER A 296 9.44 -10.61 -28.97
CA SER A 296 9.41 -9.59 -27.92
C SER A 296 9.95 -8.22 -28.35
N GLU A 297 11.10 -8.20 -29.00
CA GLU A 297 11.70 -6.93 -29.42
C GLU A 297 11.27 -6.60 -30.85
N GLY A 298 10.22 -7.27 -31.31
CA GLY A 298 9.58 -6.92 -32.56
C GLY A 298 10.40 -7.29 -33.76
N ARG A 299 11.23 -8.33 -33.62
CA ARG A 299 12.00 -8.85 -34.74
C ARG A 299 11.31 -10.07 -35.34
N VAL A 300 11.27 -10.11 -36.67
CA VAL A 300 10.67 -11.24 -37.38
C VAL A 300 11.55 -11.62 -38.56
N THR A 301 11.70 -12.92 -38.81
CA THR A 301 12.47 -13.39 -39.96
C THR A 301 11.60 -13.31 -41.20
N SER A 302 12.15 -13.69 -42.34
CA SER A 302 11.40 -13.68 -43.58
C SER A 302 10.64 -14.99 -43.73
N GLY A 303 9.63 -14.98 -44.59
CA GLY A 303 8.78 -16.14 -44.78
C GLY A 303 7.53 -16.00 -43.94
N GLU A 304 6.43 -16.53 -44.47
CA GLU A 304 5.13 -16.38 -43.86
C GLU A 304 4.97 -17.25 -42.62
N THR A 305 5.84 -18.24 -42.45
CA THR A 305 5.68 -19.17 -41.34
C THR A 305 6.96 -19.41 -40.54
N LYS A 306 6.80 -19.94 -39.33
CA LYS A 306 7.92 -20.39 -38.50
C LYS A 306 7.47 -21.67 -37.80
N GLU A 307 8.43 -22.53 -37.44
CA GLU A 307 8.11 -23.73 -36.69
C GLU A 307 8.42 -23.48 -35.24
N ILE A 308 7.47 -23.81 -34.36
CA ILE A 308 7.70 -23.62 -32.94
C ILE A 308 7.34 -24.86 -32.16
N THR A 309 7.84 -24.93 -30.94
CA THR A 309 7.42 -25.97 -30.03
C THR A 309 6.61 -25.32 -28.92
N PHE A 310 5.40 -25.81 -28.70
CA PHE A 310 4.57 -25.24 -27.65
C PHE A 310 3.62 -26.30 -27.12
N SER A 311 2.95 -25.98 -26.03
CA SER A 311 2.03 -26.90 -25.39
C SER A 311 0.63 -26.83 -26.00
N ASN A 312 0.18 -27.97 -26.42
CA ASN A 312 -1.19 -28.30 -26.92
CA ASN A 312 -1.13 -27.64 -26.84
C ASN A 312 -2.46 -27.97 -26.00
N SER A 313 -2.11 -27.78 -24.76
CA SER A 313 -3.10 -27.94 -23.69
C SER A 313 -4.43 -27.20 -23.95
N VAL A 314 -4.36 -25.97 -24.41
CA VAL A 314 -5.53 -25.17 -24.62
C VAL A 314 -6.46 -25.74 -25.71
N GLU A 315 -5.85 -26.27 -26.75
CA GLU A 315 -6.52 -26.95 -27.87
C GLU A 315 -7.39 -28.08 -27.35
N GLN A 316 -6.73 -28.93 -26.58
CA GLN A 316 -7.36 -30.07 -25.96
C GLN A 316 -8.47 -29.59 -25.02
N LYS A 317 -8.20 -28.51 -24.29
CA LYS A 317 -9.20 -27.96 -23.38
C LYS A 317 -10.45 -27.54 -24.14
N ARG A 318 -10.29 -26.85 -25.27
CA ARG A 318 -11.42 -26.37 -26.03
C ARG A 318 -12.27 -27.56 -26.46
N ILE A 319 -11.58 -28.60 -26.91
CA ILE A 319 -12.28 -29.80 -27.35
C ILE A 319 -13.05 -30.47 -26.20
N ALA A 320 -12.42 -30.57 -25.03
CA ALA A 320 -13.06 -31.18 -23.86
C ALA A 320 -14.29 -30.37 -23.41
N LEU A 321 -14.15 -29.06 -23.45
CA LEU A 321 -15.26 -28.17 -23.03
C LEU A 321 -16.43 -28.32 -24.00
N LEU A 322 -16.13 -28.39 -25.29
CA LEU A 322 -17.17 -28.60 -26.30
C LEU A 322 -17.88 -29.93 -26.08
N ASN A 323 -17.12 -31.01 -25.82
CA ASN A 323 -17.72 -32.32 -25.50
C ASN A 323 -18.72 -32.21 -24.34
N ARG A 324 -18.26 -31.59 -23.24
CA ARG A 324 -19.06 -31.36 -22.05
C ARG A 324 -20.35 -30.62 -22.36
N ALA A 325 -20.23 -29.53 -23.13
CA ALA A 325 -21.37 -28.70 -23.46
C ALA A 325 -22.38 -29.46 -24.34
N ALA A 326 -21.89 -30.24 -25.30
CA ALA A 326 -22.79 -31.01 -26.17
C ALA A 326 -23.55 -32.01 -25.32
N SER A 327 -22.83 -32.65 -24.42
CA SER A 327 -23.41 -33.62 -23.52
C SER A 327 -24.51 -32.95 -22.68
N TYR A 328 -24.20 -31.78 -22.14
CA TYR A 328 -25.14 -31.05 -21.33
C TYR A 328 -26.42 -30.73 -22.10
N VAL A 329 -26.25 -30.26 -23.33
CA VAL A 329 -27.40 -29.83 -24.11
C VAL A 329 -28.26 -31.02 -24.49
N ASN A 330 -27.62 -32.17 -24.69
CA ASN A 330 -28.35 -33.37 -25.13
C ASN A 330 -29.44 -33.77 -24.14
N SER A 331 -29.28 -33.41 -22.88
CA SER A 331 -30.25 -33.82 -21.87
C SER A 331 -30.84 -32.65 -21.07
N ALA A 332 -30.63 -31.42 -21.53
CA ALA A 332 -31.10 -30.26 -20.79
C ALA A 332 -32.60 -30.06 -20.96
N PRO A 333 -33.26 -29.54 -19.90
CA PRO A 333 -34.69 -29.24 -19.97
C PRO A 333 -35.00 -28.18 -21.04
N PRO A 334 -36.22 -28.19 -21.61
CA PRO A 334 -36.63 -27.29 -22.69
C PRO A 334 -36.34 -25.80 -22.51
N PRO A 335 -36.45 -25.24 -21.29
CA PRO A 335 -36.17 -23.81 -21.24
C PRO A 335 -34.70 -23.54 -21.51
N VAL A 336 -33.84 -24.45 -21.06
CA VAL A 336 -32.41 -24.29 -21.25
C VAL A 336 -32.10 -24.38 -22.73
N VAL A 337 -32.71 -25.36 -23.38
CA VAL A 337 -32.55 -25.51 -24.83
C VAL A 337 -32.96 -24.23 -25.53
N MET A 338 -34.11 -23.65 -25.16
CA MET A 338 -34.58 -22.44 -25.84
C MET A 338 -33.62 -21.25 -25.60
N ARG A 339 -33.15 -21.10 -24.37
CA ARG A 339 -32.15 -20.06 -24.07
C ARG A 339 -30.87 -20.24 -24.91
N MET A 340 -30.38 -21.48 -25.01
CA MET A 340 -29.14 -21.72 -25.75
C MET A 340 -29.35 -21.51 -27.24
N ALA A 341 -30.51 -21.93 -27.74
CA ALA A 341 -30.81 -21.72 -29.14
C ALA A 341 -30.83 -20.22 -29.44
N LYS A 342 -31.42 -19.41 -28.56
CA LYS A 342 -31.41 -17.95 -28.79
C LYS A 342 -30.00 -17.38 -28.72
N LEU A 343 -29.19 -17.84 -27.78
CA LEU A 343 -27.78 -17.40 -27.73
C LEU A 343 -27.02 -17.71 -29.01
N LEU A 344 -27.18 -18.92 -29.54
CA LEU A 344 -26.51 -19.30 -30.79
C LEU A 344 -27.02 -18.46 -31.96
N GLN A 345 -28.35 -18.32 -32.05
CA GLN A 345 -28.95 -17.53 -33.10
C GLN A 345 -28.43 -16.09 -33.08
N ASP A 346 -28.40 -15.48 -31.90
CA ASP A 346 -27.87 -14.14 -31.76
C ASP A 346 -26.37 -14.06 -32.07
N SER A 347 -25.62 -15.14 -31.78
CA SER A 347 -24.19 -15.19 -32.14
C SER A 347 -23.99 -15.15 -33.64
N LEU A 348 -24.71 -16.02 -34.36
CA LEU A 348 -24.52 -16.19 -35.79
C LEU A 348 -24.98 -14.97 -36.60
N LEU A 349 -25.65 -14.05 -35.92
CA LEU A 349 -26.06 -12.78 -36.52
C LEU A 349 -24.88 -11.92 -36.98
N ASP A 350 -23.66 -12.29 -36.61
CA ASP A 350 -22.48 -11.48 -36.93
C ASP A 350 -21.83 -11.90 -38.23
N ILE B 14 8.26 4.34 -38.03
CA ILE B 14 9.01 4.39 -36.79
C ILE B 14 9.57 5.79 -36.54
N ASP B 15 8.72 6.79 -36.75
CA ASP B 15 9.07 8.16 -36.44
C ASP B 15 7.88 8.84 -35.78
N GLU B 16 7.12 8.03 -35.05
CA GLU B 16 5.90 8.46 -34.40
C GLU B 16 6.12 9.74 -33.59
N GLY B 17 5.12 10.61 -33.61
CA GLY B 17 5.14 11.84 -32.86
C GLY B 17 3.71 12.29 -32.67
N ASP B 18 3.40 12.75 -31.46
CA ASP B 18 2.05 13.19 -31.13
C ASP B 18 2.11 14.44 -30.27
N LEU B 19 1.17 15.34 -30.48
CA LEU B 19 1.09 16.54 -29.65
C LEU B 19 0.45 16.22 -28.31
N TRP B 20 0.17 14.94 -28.07
CA TRP B 20 -0.60 14.53 -26.90
C TRP B 20 0.12 13.54 -25.98
N THR B 21 -0.51 13.24 -24.84
CA THR B 21 0.01 12.27 -23.89
C THR B 21 -0.92 11.06 -23.77
N TRP B 22 -0.32 9.87 -23.71
CA TRP B 22 -1.05 8.61 -23.82
C TRP B 22 -0.65 7.58 -22.76
N ARG B 23 -1.60 6.73 -22.39
CA ARG B 23 -1.33 5.57 -21.53
C ARG B 23 -1.80 4.31 -22.26
N LYS B 24 -1.25 3.16 -21.89
CA LYS B 24 -1.52 1.91 -22.59
C LYS B 24 -2.93 1.36 -22.29
N TYR B 25 -3.54 0.77 -23.31
CA TYR B 25 -4.82 0.08 -23.12
C TYR B 25 -4.68 -1.39 -23.48
N GLY B 26 -3.90 -1.67 -24.52
CA GLY B 26 -3.78 -3.05 -24.99
C GLY B 26 -2.58 -3.25 -25.87
N GLN B 27 -2.30 -4.52 -26.17
CA GLN B 27 -1.15 -4.87 -26.98
C GLN B 27 -1.35 -6.33 -27.35
N LYS B 28 -1.71 -6.59 -28.60
CA LYS B 28 -2.08 -7.95 -28.94
C LYS B 28 -1.73 -8.34 -30.38
N ASP B 29 -1.44 -9.61 -30.60
CA ASP B 29 -1.28 -10.08 -31.97
C ASP B 29 -2.61 -10.06 -32.68
N ILE B 30 -2.56 -9.95 -34.01
CA ILE B 30 -3.74 -9.78 -34.83
C ILE B 30 -3.78 -10.82 -35.97
N LEU B 31 -4.97 -11.38 -36.20
CA LEU B 31 -5.25 -12.24 -37.35
C LEU B 31 -4.60 -11.70 -38.62
N GLY B 32 -3.82 -12.55 -39.27
CA GLY B 32 -3.28 -12.24 -40.59
C GLY B 32 -2.10 -11.28 -40.60
N SER B 33 -1.64 -10.85 -39.43
CA SER B 33 -0.55 -9.88 -39.39
C SER B 33 0.69 -10.42 -38.67
N ARG B 34 1.85 -10.00 -39.15
CA ARG B 34 3.10 -10.38 -38.54
C ARG B 34 3.38 -9.46 -37.35
N PHE B 35 2.71 -8.32 -37.32
CA PHE B 35 2.98 -7.31 -36.31
C PHE B 35 1.79 -7.06 -35.40
N PRO B 36 2.06 -6.90 -34.09
CA PRO B 36 1.02 -6.70 -33.08
C PRO B 36 0.42 -5.31 -33.15
N ARG B 37 -0.80 -5.17 -32.66
CA ARG B 37 -1.44 -3.87 -32.54
C ARG B 37 -1.38 -3.34 -31.11
N GLY B 38 -1.03 -2.07 -30.98
CA GLY B 38 -0.99 -1.40 -29.70
C GLY B 38 -2.18 -0.45 -29.54
N TYR B 39 -2.80 -0.47 -28.36
CA TYR B 39 -3.96 0.37 -28.08
C TYR B 39 -3.64 1.33 -26.95
N TYR B 40 -3.92 2.61 -27.19
CA TYR B 40 -3.66 3.70 -26.26
C TYR B 40 -4.94 4.50 -26.04
N ARG B 41 -5.02 5.15 -24.88
CA ARG B 41 -6.10 6.08 -24.55
C ARG B 41 -5.42 7.30 -23.93
N CYS B 42 -6.12 8.43 -23.83
CA CYS B 42 -5.48 9.66 -23.35
C CYS B 42 -5.06 9.64 -21.87
N ALA B 43 -3.96 10.30 -21.55
CA ALA B 43 -3.52 10.40 -20.17
C ALA B 43 -4.51 11.17 -19.30
N TYR B 44 -5.42 11.92 -19.92
CA TYR B 44 -6.42 12.68 -19.18
C TYR B 44 -7.81 12.08 -19.33
N LYS B 45 -7.87 10.76 -19.55
CA LYS B 45 -9.16 10.07 -19.63
C LYS B 45 -9.91 10.18 -18.31
N PHE B 46 -9.19 10.04 -17.20
CA PHE B 46 -9.82 9.97 -15.90
C PHE B 46 -10.09 11.37 -15.35
N THR B 47 -9.04 12.19 -15.35
CA THR B 47 -9.13 13.54 -14.80
C THR B 47 -10.09 14.43 -15.59
N HIS B 48 -10.10 14.29 -16.91
CA HIS B 48 -10.91 15.18 -17.74
C HIS B 48 -12.01 14.50 -18.53
N GLY B 49 -12.14 13.18 -18.39
CA GLY B 49 -13.11 12.43 -19.17
C GLY B 49 -12.79 12.35 -20.65
N CYS B 50 -11.57 12.68 -21.03
CA CYS B 50 -11.18 12.71 -22.44
C CYS B 50 -11.36 11.34 -23.09
N LYS B 51 -11.97 11.32 -24.28
CA LYS B 51 -12.34 10.07 -24.93
C LYS B 51 -11.38 9.64 -26.05
N ALA B 52 -10.35 10.45 -26.25
CA ALA B 52 -9.41 10.22 -27.35
C ALA B 52 -8.62 8.92 -27.17
N THR B 53 -8.66 8.08 -28.20
CA THR B 53 -7.88 6.85 -28.23
C THR B 53 -7.04 6.77 -29.50
N LYS B 54 -6.01 5.94 -29.49
CA LYS B 54 -5.29 5.68 -30.74
C LYS B 54 -4.79 4.24 -30.82
N GLN B 55 -4.71 3.75 -32.05
CA GLN B 55 -4.25 2.41 -32.37
C GLN B 55 -3.06 2.49 -33.29
N VAL B 56 -2.05 1.68 -32.99
CA VAL B 56 -0.79 1.72 -33.70
C VAL B 56 -0.40 0.33 -34.16
N GLN B 57 -0.14 0.17 -35.46
CA GLN B 57 0.25 -1.14 -35.98
C GLN B 57 1.17 -1.01 -37.18
N ARG B 58 2.35 -1.60 -37.07
CA ARG B 58 3.32 -1.67 -38.16
C ARG B 58 2.70 -2.41 -39.35
N SER B 59 2.83 -1.85 -40.54
CA SER B 59 2.12 -2.38 -41.70
C SER B 59 2.62 -3.76 -42.13
N GLU B 60 1.67 -4.64 -42.39
CA GLU B 60 1.98 -5.99 -42.85
C GLU B 60 2.69 -5.96 -44.20
N THR B 61 2.04 -5.34 -45.18
CA THR B 61 2.55 -5.30 -46.55
C THR B 61 3.89 -4.57 -46.68
N ASP B 62 3.97 -3.36 -46.15
CA ASP B 62 5.22 -2.59 -46.15
C ASP B 62 5.73 -2.41 -44.73
N SER B 63 6.75 -3.19 -44.37
CA SER B 63 7.28 -3.20 -43.01
C SER B 63 7.85 -1.85 -42.54
N ASN B 64 8.06 -0.94 -43.48
CA ASN B 64 8.62 0.37 -43.17
C ASN B 64 7.53 1.36 -42.72
N MET B 65 6.30 1.08 -43.11
CA MET B 65 5.16 1.95 -42.82
C MET B 65 4.46 1.64 -41.48
N LEU B 66 4.10 2.70 -40.76
CA LEU B 66 3.30 2.58 -39.53
C LEU B 66 1.87 3.04 -39.81
N ALA B 67 0.89 2.23 -39.40
CA ALA B 67 -0.50 2.64 -39.52
C ALA B 67 -1.01 3.11 -38.16
N ILE B 68 -1.61 4.29 -38.14
CA ILE B 68 -2.11 4.85 -36.90
C ILE B 68 -3.52 5.37 -37.07
N THR B 69 -4.42 4.94 -36.19
CA THR B 69 -5.79 5.43 -36.20
C THR B 69 -6.11 6.20 -34.91
N TYR B 70 -6.61 7.42 -35.06
CA TYR B 70 -7.04 8.21 -33.91
C TYR B 70 -8.56 8.26 -33.85
N LEU B 71 -9.12 8.00 -32.68
CA LEU B 71 -10.58 8.08 -32.54
C LEU B 71 -11.01 9.00 -31.40
N SER B 72 -12.08 9.77 -31.67
CA SER B 72 -12.63 10.80 -30.79
C SER B 72 -11.64 11.96 -30.56
N GLU B 73 -12.20 13.09 -30.16
CA GLU B 73 -11.40 14.31 -30.05
C GLU B 73 -11.03 14.56 -28.60
N HIS B 74 -9.87 15.17 -28.39
CA HIS B 74 -9.47 15.57 -27.05
C HIS B 74 -10.37 16.70 -26.55
N ASN B 75 -10.77 16.64 -25.29
CA ASN B 75 -11.59 17.70 -24.70
C ASN B 75 -10.77 18.64 -23.82
N HIS B 76 -9.55 18.93 -24.27
CA HIS B 76 -8.63 19.76 -23.50
C HIS B 76 -7.50 20.22 -24.42
N PRO B 77 -6.83 21.33 -24.07
CA PRO B 77 -5.72 21.79 -24.92
C PRO B 77 -4.53 20.83 -24.90
N ARG B 78 -3.60 21.02 -25.82
CA ARG B 78 -2.37 20.24 -25.86
C ARG B 78 -1.58 20.41 -24.57
N PRO B 79 -1.04 19.31 -24.04
CA PRO B 79 -0.26 19.31 -22.80
C PRO B 79 1.04 20.13 -22.89
N THR B 80 0.95 21.41 -22.59
CA THR B 80 2.11 22.30 -22.65
C THR B 80 3.00 22.15 -21.41
N ALA C 9 12.41 -2.91 -8.95
CA ALA C 9 11.70 -4.11 -8.51
C ALA C 9 12.01 -5.24 -9.47
N THR C 10 13.31 -5.45 -9.65
CA THR C 10 13.86 -6.46 -10.54
C THR C 10 13.74 -7.86 -9.95
N ARG C 11 14.47 -8.80 -10.54
CA ARG C 11 14.50 -10.17 -10.04
C ARG C 11 15.86 -10.47 -9.42
N SER C 12 16.66 -9.42 -9.24
CA SER C 12 17.99 -9.57 -8.62
C SER C 12 17.86 -10.15 -7.22
N ALA C 13 18.43 -11.34 -7.02
CA ALA C 13 18.34 -12.03 -5.74
C ALA C 13 19.38 -11.48 -4.77
N GLN C 15 19.17 -10.86 -0.49
CA GLN C 15 18.83 -11.23 0.88
C GLN C 15 17.66 -12.23 0.89
N GLN C 16 17.92 -13.41 0.32
CA GLN C 16 16.98 -14.54 0.32
C GLN C 16 15.70 -14.29 -0.49
N ALA C 17 15.58 -13.11 -1.09
CA ALA C 17 14.41 -12.75 -1.89
C ALA C 17 14.75 -11.66 -2.90
N THR C 18 13.93 -11.53 -3.94
CA THR C 18 14.19 -10.53 -4.96
C THR C 18 13.85 -9.12 -4.47
N VAL C 19 14.36 -8.13 -5.19
CA VAL C 19 14.04 -6.74 -4.89
C VAL C 19 12.53 -6.50 -5.01
N ASP C 20 11.89 -7.13 -5.99
CA ASP C 20 10.46 -6.94 -6.16
C ASP C 20 9.63 -7.40 -4.98
N ARG C 21 9.99 -8.58 -4.47
CA ARG C 21 9.33 -9.14 -3.30
C ARG C 21 9.50 -8.23 -2.09
N LEU C 22 10.74 -7.83 -1.85
CA LEU C 22 11.01 -6.95 -0.72
C LEU C 22 10.25 -5.62 -0.82
N ARG C 23 10.28 -5.02 -2.00
CA ARG C 23 9.57 -3.78 -2.26
C ARG C 23 8.10 -3.99 -1.91
N THR C 24 7.56 -5.11 -2.35
CA THR C 24 6.16 -5.46 -2.09
C THR C 24 5.88 -5.63 -0.59
N GLN C 25 6.84 -6.18 0.16
CA GLN C 25 6.61 -6.38 1.58
C GLN C 25 6.66 -5.05 2.34
N VAL C 26 7.54 -4.17 1.91
CA VAL C 26 7.64 -2.84 2.55
C VAL C 26 6.44 -1.95 2.25
N THR C 27 6.19 -1.76 0.95
CA THR C 27 5.08 -0.92 0.54
C THR C 27 3.76 -1.53 0.98
N GLY C 28 3.71 -2.86 1.06
CA GLY C 28 2.54 -3.59 1.50
C GLY C 28 2.30 -3.34 2.98
N PHE C 29 3.38 -3.38 3.77
CA PHE C 29 3.23 -3.04 5.18
C PHE C 29 2.66 -1.64 5.38
N LEU C 30 3.25 -0.68 4.66
CA LEU C 30 2.81 0.70 4.78
C LEU C 30 1.34 0.84 4.38
N SER C 31 0.98 0.18 3.29
CA SER C 31 -0.39 0.24 2.80
C SER C 31 -1.38 -0.37 3.78
N GLY C 32 -0.99 -1.46 4.43
CA GLY C 32 -1.88 -2.12 5.36
C GLY C 32 -2.14 -1.22 6.54
N ALA C 33 -1.04 -0.67 7.08
CA ALA C 33 -1.16 0.31 8.16
C ALA C 33 -2.10 1.43 7.75
N LEU C 34 -1.87 1.96 6.56
CA LEU C 34 -2.69 3.03 6.00
C LEU C 34 -4.17 2.67 5.94
N GLY C 35 -4.46 1.44 5.50
CA GLY C 35 -5.84 0.98 5.40
C GLY C 35 -6.51 1.00 6.75
N LYS C 36 -5.82 0.45 7.75
CA LYS C 36 -6.45 0.42 9.06
C LYS C 36 -6.64 1.84 9.63
N LEU C 37 -5.60 2.67 9.53
CA LEU C 37 -5.66 4.01 10.13
C LEU C 37 -6.73 4.88 9.46
N GLN C 38 -6.83 4.73 8.15
CA GLN C 38 -7.81 5.47 7.39
C GLN C 38 -9.23 5.01 7.71
N ALA C 39 -9.42 3.69 7.86
CA ALA C 39 -10.73 3.19 8.32
C ALA C 39 -11.10 3.79 9.67
N LEU C 40 -10.14 3.75 10.59
CA LEU C 40 -10.35 4.28 11.92
C LEU C 40 -10.73 5.76 11.90
N SER C 41 -10.00 6.54 11.12
CA SER C 41 -10.21 7.98 11.06
C SER C 41 -11.56 8.31 10.43
N ALA C 42 -11.88 7.62 9.35
CA ALA C 42 -13.14 7.83 8.63
C ALA C 42 -14.35 7.50 9.51
N GLN C 43 -14.19 6.56 10.43
CA GLN C 43 -15.28 6.19 11.31
C GLN C 43 -15.18 6.91 12.66
N ASN C 44 -14.26 7.86 12.76
CA ASN C 44 -14.12 8.67 13.97
C ASN C 44 -13.93 7.80 15.20
N MET C 45 -13.13 6.76 15.09
CA MET C 45 -12.88 5.90 16.23
C MET C 45 -11.50 6.12 16.84
N ASP C 46 -11.47 6.12 18.17
CA ASP C 46 -10.19 6.17 18.86
C ASP C 46 -9.47 4.83 18.70
N PRO C 47 -8.20 4.86 18.31
CA PRO C 47 -7.47 3.61 18.11
C PRO C 47 -7.33 2.78 19.37
N GLU C 48 -7.09 3.42 20.52
CA GLU C 48 -6.92 2.66 21.76
C GLU C 48 -8.18 1.86 22.07
N LEU C 49 -9.32 2.54 22.02
CA LEU C 49 -10.59 1.88 22.31
C LEU C 49 -10.91 0.82 21.28
N ALA C 50 -10.44 1.03 20.05
CA ALA C 50 -10.70 0.07 19.00
C ALA C 50 -9.71 -1.08 19.11
N GLN C 51 -8.82 -0.99 20.10
CA GLN C 51 -7.77 -1.98 20.35
C GLN C 51 -6.85 -2.18 19.17
N PHE C 52 -6.61 -1.11 18.44
CA PHE C 52 -5.56 -1.07 17.43
C PHE C 52 -4.24 -0.67 18.10
N ARG C 53 -3.20 -1.46 17.87
CA ARG C 53 -1.92 -1.29 18.56
C ARG C 53 -1.10 -0.18 17.94
N VAL C 54 -1.54 1.06 18.16
CA VAL C 54 -0.89 2.25 17.60
C VAL C 54 0.58 2.36 17.94
N LEU C 55 0.93 2.08 19.18
CA LEU C 55 2.34 2.18 19.59
C LEU C 55 3.24 1.27 18.71
N ASP C 56 2.83 0.02 18.53
CA ASP C 56 3.61 -0.93 17.73
C ASP C 56 3.74 -0.49 16.27
N VAL C 57 2.62 -0.11 15.68
CA VAL C 57 2.63 0.31 14.28
C VAL C 57 3.46 1.58 14.07
N ASP C 58 3.22 2.60 14.89
CA ASP C 58 4.03 3.83 14.83
C ASP C 58 5.53 3.51 14.94
N ARG C 59 5.86 2.65 15.90
CA ARG C 59 7.26 2.27 16.08
C ARG C 59 7.83 1.61 14.83
N ALA C 60 7.04 0.75 14.20
CA ALA C 60 7.51 0.04 13.01
C ALA C 60 7.58 0.93 11.77
N ILE C 61 6.64 1.86 11.60
CA ILE C 61 6.67 2.67 10.38
C ILE C 61 7.68 3.79 10.47
N MET C 62 8.00 4.25 11.69
CA MET C 62 8.83 5.46 11.80
C MET C 62 10.18 5.42 11.02
N PRO C 63 10.97 4.33 11.09
CA PRO C 63 12.22 4.35 10.30
C PRO C 63 11.97 4.52 8.79
N LEU C 64 10.89 3.91 8.34
CA LEU C 64 10.49 3.99 6.94
C LEU C 64 10.11 5.44 6.56
N LEU C 65 9.29 6.06 7.42
CA LEU C 65 8.94 7.46 7.23
C LEU C 65 10.17 8.34 7.21
N ILE C 66 11.15 8.01 8.05
CA ILE C 66 12.35 8.84 8.12
C ILE C 66 13.17 8.71 6.85
N VAL C 67 13.35 7.48 6.36
CA VAL C 67 14.05 7.31 5.09
C VAL C 67 13.38 8.12 3.99
N ALA C 68 12.07 7.97 3.91
CA ALA C 68 11.32 8.63 2.85
C ALA C 68 11.42 10.14 2.94
N GLU C 69 11.27 10.69 4.14
CA GLU C 69 11.27 12.13 4.29
C GLU C 69 12.65 12.68 4.04
N ASN C 70 13.69 11.92 4.40
CA ASN C 70 15.04 12.36 4.09
C ASN C 70 15.27 12.42 2.59
N ALA C 71 14.67 11.48 1.85
CA ALA C 71 14.81 11.55 0.39
C ALA C 71 13.99 12.70 -0.21
N ARG C 72 12.82 12.95 0.38
CA ARG C 72 11.88 13.94 -0.11
C ARG C 72 12.37 15.38 0.14
N ASN C 73 13.26 15.55 1.12
CA ASN C 73 13.77 16.86 1.49
C ASN C 73 15.28 16.84 1.74
N PRO C 74 16.09 16.93 0.67
CA PRO C 74 17.55 16.91 0.86
C PRO C 74 18.00 17.99 1.84
N GLY C 75 18.81 17.59 2.83
CA GLY C 75 19.28 18.52 3.84
C GLY C 75 18.54 18.42 5.16
N LEU C 76 17.42 17.70 5.17
CA LEU C 76 16.69 17.46 6.41
C LEU C 76 17.60 16.72 7.39
N ASN C 77 18.27 15.67 6.89
CA ASN C 77 19.28 14.97 7.67
C ASN C 77 18.74 14.47 9.00
N LEU C 78 17.60 13.80 8.92
CA LEU C 78 16.91 13.33 10.11
C LEU C 78 17.45 11.99 10.55
N VAL C 79 17.75 11.88 11.84
CA VAL C 79 18.35 10.67 12.39
C VAL C 79 17.60 10.27 13.65
N PRO C 80 17.29 8.97 13.79
CA PRO C 80 16.66 8.52 15.03
C PRO C 80 17.67 8.26 16.14
N LEU C 81 17.49 8.91 17.29
CA LEU C 81 18.40 8.75 18.42
C LEU C 81 17.61 8.27 19.63
N HIS C 82 18.33 7.72 20.61
CA HIS C 82 17.69 7.34 21.86
C HIS C 82 18.62 7.57 23.05
N MET C 83 18.03 7.57 24.25
CA MET C 83 18.77 7.86 25.46
C MET C 83 19.03 6.58 26.27
N ASP C 84 19.80 6.69 27.35
CA ASP C 84 20.09 5.56 28.24
C ASP C 84 18.86 4.69 28.58
N MET C 85 17.77 5.34 29.01
CA MET C 85 16.59 4.59 29.47
C MET C 85 15.99 3.73 28.36
N ALA C 86 16.15 4.17 27.12
CA ALA C 86 15.61 3.42 26.00
C ALA C 86 16.32 2.08 25.84
N GLU C 87 17.44 1.88 26.53
CA GLU C 87 18.16 0.62 26.44
C GLU C 87 17.87 -0.28 27.65
N ASP C 88 17.05 0.23 28.57
CA ASP C 88 16.68 -0.53 29.77
C ASP C 88 15.34 -1.25 29.60
N GLU C 89 15.38 -2.56 29.38
CA GLU C 89 14.18 -3.36 29.15
C GLU C 89 13.17 -3.28 30.29
N GLU C 90 13.64 -2.96 31.49
CA GLU C 90 12.78 -2.94 32.65
C GLU C 90 11.98 -1.64 32.81
N VAL C 91 12.41 -0.57 32.15
CA VAL C 91 11.73 0.72 32.28
C VAL C 91 11.06 1.16 31.01
N ARG C 92 11.71 0.91 29.88
CA ARG C 92 11.24 1.44 28.62
C ARG C 92 9.85 0.91 28.28
N THR C 93 9.06 1.71 27.58
CA THR C 93 7.74 1.27 27.13
C THR C 93 7.89 0.25 26.00
N GLN C 94 8.81 0.51 25.08
CA GLN C 94 9.17 -0.45 24.06
C GLN C 94 10.60 -0.19 23.60
N PRO C 95 11.22 -1.14 22.86
CA PRO C 95 12.57 -0.85 22.39
C PRO C 95 12.59 0.36 21.47
N PRO C 96 13.75 1.01 21.33
CA PRO C 96 13.94 2.06 20.34
C PRO C 96 13.66 1.54 18.94
N MET C 97 13.31 2.44 18.02
CA MET C 97 12.99 2.00 16.67
C MET C 97 14.21 1.40 15.98
N ALA C 98 13.96 0.69 14.89
CA ALA C 98 15.03 0.04 14.16
C ALA C 98 15.98 1.09 13.65
N GLY C 99 17.29 0.88 13.85
CA GLY C 99 18.31 1.78 13.34
C GLY C 99 18.59 2.99 14.22
N SER C 100 17.92 3.07 15.37
CA SER C 100 18.16 4.15 16.33
C SER C 100 19.58 4.08 16.90
N ARG C 101 20.22 5.23 17.10
CA ARG C 101 21.56 5.25 17.72
C ARG C 101 21.55 5.95 19.05
N HIS C 102 22.34 5.46 20.00
CA HIS C 102 22.47 6.19 21.27
C HIS C 102 23.03 7.58 20.98
N ILE C 103 22.45 8.60 21.61
CA ILE C 103 22.91 9.98 21.50
C ILE C 103 24.43 10.13 21.63
N ALA C 104 25.03 9.48 22.62
CA ALA C 104 26.47 9.66 22.86
C ALA C 104 27.30 9.07 21.73
N GLU C 105 26.81 7.98 21.15
CA GLU C 105 27.51 7.37 20.03
C GLU C 105 27.46 8.32 18.84
N PHE C 106 26.31 8.94 18.67
CA PHE C 106 26.13 9.92 17.60
C PHE C 106 27.02 11.16 17.76
N VAL C 107 27.03 11.78 18.94
CA VAL C 107 27.84 12.98 19.11
C VAL C 107 29.33 12.60 19.00
N ALA C 108 29.70 11.39 19.41
CA ALA C 108 31.09 10.95 19.28
C ALA C 108 31.50 10.69 17.83
N SER C 109 30.60 10.15 17.01
CA SER C 109 31.07 9.62 15.74
C SER C 109 30.54 10.30 14.48
N ALA C 110 29.46 11.07 14.57
CA ALA C 110 28.83 11.60 13.38
C ALA C 110 29.70 12.64 12.67
N ARG C 111 29.64 12.65 11.34
CA ARG C 111 30.25 13.72 10.55
C ARG C 111 29.73 15.08 11.00
N PRO C 112 30.56 16.13 10.88
CA PRO C 112 30.07 17.47 11.18
C PRO C 112 28.96 17.84 10.22
N GLY C 113 28.05 18.68 10.66
CA GLY C 113 26.97 19.12 9.81
C GLY C 113 25.76 19.48 10.65
N ARG C 114 24.61 19.63 9.97
CA ARG C 114 23.32 19.99 10.57
C ARG C 114 22.42 18.76 10.51
N TYR C 115 21.83 18.38 11.63
CA TYR C 115 20.96 17.20 11.64
C TYR C 115 19.63 17.58 12.28
N ARG C 116 18.57 16.87 11.90
CA ARG C 116 17.36 16.82 12.68
C ARG C 116 17.35 15.45 13.34
N ALA C 117 16.64 15.32 14.45
CA ALA C 117 16.56 14.05 15.13
C ALA C 117 15.19 13.84 15.75
N VAL C 118 14.80 12.58 15.87
CA VAL C 118 13.78 12.23 16.83
C VAL C 118 14.47 11.44 17.91
N ILE C 119 14.26 11.86 19.14
CA ILE C 119 14.95 11.31 20.28
C ILE C 119 13.99 10.61 21.22
N ASP C 120 14.21 9.32 21.38
CA ASP C 120 13.39 8.46 22.23
C ASP C 120 14.03 8.34 23.61
N ASP C 121 13.34 8.81 24.65
CA ASP C 121 13.98 8.84 25.98
C ASP C 121 13.67 7.58 26.73
N GLY C 122 13.03 6.63 26.04
CA GLY C 122 12.61 5.39 26.66
C GLY C 122 11.09 5.30 26.77
N SER C 123 10.44 6.45 26.95
CA SER C 123 8.97 6.47 27.13
C SER C 123 8.29 7.48 26.22
N HIS C 124 9.06 8.42 25.70
CA HIS C 124 8.51 9.58 25.00
C HIS C 124 9.50 10.01 23.94
N THR C 125 9.00 10.48 22.80
CA THR C 125 9.84 10.95 21.71
C THR C 125 9.70 12.45 21.48
N ARG C 126 10.85 13.12 21.33
CA ARG C 126 10.92 14.54 21.08
C ARG C 126 11.60 14.85 19.76
N ALA C 127 11.47 16.10 19.31
CA ALA C 127 12.19 16.54 18.12
C ALA C 127 13.47 17.27 18.51
N ALA C 128 14.47 17.27 17.63
CA ALA C 128 15.66 18.09 17.89
C ALA C 128 16.34 18.58 16.63
N ASP C 129 16.94 19.76 16.73
CA ASP C 129 17.79 20.30 15.68
C ASP C 129 19.22 20.36 16.25
N ILE C 130 20.14 19.62 15.62
CA ILE C 130 21.50 19.44 16.14
C ILE C 130 22.50 20.05 15.16
N ARG C 131 23.50 20.77 15.70
CA ARG C 131 24.57 21.27 14.87
C ARG C 131 25.86 20.75 15.44
N LYS C 132 26.62 20.03 14.63
CA LYS C 132 27.91 19.55 15.09
C LYS C 132 29.06 20.08 14.22
N ASP C 133 30.10 20.60 14.87
CA ASP C 133 31.30 20.92 14.13
C ASP C 133 32.52 20.73 15.01
N ALA C 134 33.67 21.15 14.51
CA ALA C 134 34.93 20.93 15.20
C ALA C 134 34.97 21.65 16.54
N SER C 135 34.18 22.70 16.70
CA SER C 135 34.22 23.42 17.95
C SER C 135 33.19 22.89 18.94
N GLY C 136 32.33 21.97 18.50
CA GLY C 136 31.46 21.30 19.44
C GLY C 136 30.09 20.96 18.90
N THR C 137 29.22 20.48 19.78
CA THR C 137 27.85 20.13 19.42
C THR C 137 26.85 21.02 20.17
N SER C 138 25.83 21.51 19.46
CA SER C 138 24.71 22.18 20.12
C SER C 138 23.41 21.52 19.65
N VAL C 139 22.41 21.49 20.55
CA VAL C 139 21.13 20.89 20.21
C VAL C 139 19.98 21.74 20.75
N ILE C 140 18.96 21.92 19.93
CA ILE C 140 17.72 22.55 20.33
C ILE C 140 16.61 21.49 20.31
N VAL C 141 16.10 21.13 21.48
CA VAL C 141 15.10 20.08 21.64
C VAL C 141 13.71 20.70 21.79
N VAL C 142 12.78 20.27 20.96
CA VAL C 142 11.39 20.68 21.04
C VAL C 142 10.51 19.47 21.40
N ASP C 143 9.91 19.52 22.59
CA ASP C 143 9.09 18.44 23.11
C ASP C 143 7.62 18.79 22.85
N PRO C 144 6.91 17.95 22.09
CA PRO C 144 5.51 18.26 21.78
C PRO C 144 4.59 18.05 22.98
N LEU C 145 5.13 17.56 24.07
CA LEU C 145 4.29 17.31 25.23
C LEU C 145 4.63 18.30 26.34
N ARG C 146 3.66 18.88 26.99
CA ARG C 146 3.89 19.78 28.11
C ARG C 146 2.88 19.44 29.18
N LYS C 147 3.19 18.39 29.93
CA LYS C 147 2.36 17.80 30.94
C LYS C 147 2.62 18.18 32.40
N GLU C 148 3.81 18.67 32.70
CA GLU C 148 4.14 19.09 34.04
C GLU C 148 3.29 20.34 34.46
N LYS C 149 2.67 20.19 35.56
CA LYS C 149 1.90 21.17 36.26
C LYS C 149 2.85 22.27 36.76
N ASP C 150 3.94 21.88 37.38
CA ASP C 150 4.99 22.76 37.91
C ASP C 150 6.11 22.90 36.87
N GLU C 151 6.12 24.03 36.22
CA GLU C 151 7.11 24.34 35.19
C GLU C 151 8.57 24.18 35.61
N SER C 152 8.86 24.41 36.89
CA SER C 152 10.23 24.22 37.37
C SER C 152 10.71 22.78 37.11
N ALA C 153 9.77 21.84 36.97
CA ALA C 153 10.12 20.45 36.66
C ALA C 153 11.01 20.37 35.42
N TYR C 154 10.77 21.26 34.47
CA TYR C 154 11.47 21.17 33.20
C TYR C 154 12.96 21.49 33.33
N VAL C 155 13.34 22.16 34.42
CA VAL C 155 14.77 22.37 34.66
C VAL C 155 15.43 21.00 34.61
N ASP C 156 14.84 20.06 35.34
CA ASP C 156 15.36 18.70 35.39
C ASP C 156 15.44 18.12 33.97
N TYR C 157 14.34 18.26 33.22
CA TYR C 157 14.31 17.64 31.90
C TYR C 157 15.48 18.19 31.10
N ALA C 158 15.69 19.51 31.19
CA ALA C 158 16.68 20.13 30.35
C ALA C 158 18.02 19.52 30.73
N ASP C 159 18.25 19.43 32.04
CA ASP C 159 19.53 18.93 32.51
C ASP C 159 19.73 17.50 31.98
N ASN C 160 18.66 16.71 32.03
CA ASN C 160 18.76 15.33 31.59
C ASN C 160 19.26 15.27 30.16
N VAL C 161 18.67 16.06 29.28
CA VAL C 161 19.05 15.85 27.89
C VAL C 161 20.47 16.36 27.73
N ASN C 162 20.80 17.42 28.47
CA ASN C 162 22.12 18.00 28.30
C ASN C 162 23.11 16.92 28.72
N MET C 163 22.80 16.19 29.80
CA MET C 163 23.90 15.36 30.27
C MET C 163 24.01 14.13 29.38
N GLU C 164 23.01 13.88 28.53
CA GLU C 164 23.18 12.75 27.62
C GLU C 164 23.95 13.19 26.38
N PHE C 165 23.85 14.47 26.03
CA PHE C 165 24.64 14.98 24.92
C PHE C 165 26.07 15.29 25.39
N GLY C 166 26.29 15.32 26.70
CA GLY C 166 27.58 15.67 27.26
C GLY C 166 27.60 17.07 27.82
N GLU C 167 28.21 17.22 28.99
CA GLU C 167 28.38 18.51 29.67
C GLU C 167 28.76 19.68 28.76
N HIS C 168 29.61 19.41 27.78
CA HIS C 168 30.15 20.51 26.98
C HIS C 168 29.31 20.87 25.76
N ALA C 169 28.29 20.07 25.51
CA ALA C 169 27.33 20.38 24.45
C ALA C 169 26.40 21.49 24.91
N LYS C 170 26.09 22.42 24.00
CA LYS C 170 25.14 23.48 24.30
C LYS C 170 23.75 22.96 24.01
N CYS C 171 22.83 23.15 24.95
CA CYS C 171 21.51 22.55 24.84
CA CYS C 171 21.51 22.55 24.83
C CYS C 171 20.40 23.53 25.21
N ALA C 172 19.35 23.55 24.39
CA ALA C 172 18.14 24.29 24.74
C ALA C 172 17.00 23.26 24.77
N PHE C 173 16.11 23.40 25.74
CA PHE C 173 15.00 22.48 25.88
C PHE C 173 13.69 23.26 25.84
N ILE C 174 12.81 22.90 24.91
CA ILE C 174 11.60 23.69 24.68
C ILE C 174 10.33 22.85 24.72
N PRO C 175 9.68 22.77 25.87
CA PRO C 175 8.43 22.00 25.94
C PRO C 175 7.26 22.80 25.38
N VAL C 176 6.46 22.17 24.53
CA VAL C 176 5.34 22.85 23.87
C VAL C 176 4.05 22.05 24.07
N ASP C 177 2.94 22.75 24.28
CA ASP C 177 1.67 22.08 24.55
C ASP C 177 0.93 21.68 23.27
N ILE C 178 1.39 20.59 22.64
CA ILE C 178 0.80 20.13 21.39
C ILE C 178 0.09 18.81 21.62
N GLN C 179 0.82 17.85 22.18
CA GLN C 179 0.31 16.50 22.38
C GLN C 179 -0.64 16.33 23.57
N LYS C 180 -1.78 15.69 23.34
CA LYS C 180 -2.69 15.36 24.45
C LYS C 180 -2.89 13.86 24.64
N SER C 181 -2.62 13.08 23.59
CA SER C 181 -2.75 11.62 23.65
C SER C 181 -1.50 10.94 24.20
N PHE C 182 -1.58 9.64 24.45
CA PHE C 182 -0.44 8.92 24.98
C PHE C 182 0.50 8.40 23.88
N PHE C 183 0.10 8.52 22.62
CA PHE C 183 0.84 7.83 21.55
C PHE C 183 1.31 8.69 20.37
N ASP C 184 0.86 9.93 20.29
CA ASP C 184 1.15 10.74 19.11
C ASP C 184 2.54 11.42 19.08
N CYS C 185 3.36 11.21 20.10
CA CYS C 185 4.68 11.87 20.16
C CYS C 185 5.58 11.64 18.92
N ARG C 186 5.59 10.42 18.38
CA ARG C 186 6.51 10.12 17.27
C ARG C 186 6.15 10.92 16.01
N ILE C 187 4.87 10.89 15.62
CA ILE C 187 4.46 11.64 14.44
C ILE C 187 4.58 13.16 14.66
N LEU C 188 4.19 13.64 15.85
CA LEU C 188 4.32 15.06 16.17
C LEU C 188 5.77 15.50 16.07
N SER C 189 6.68 14.67 16.57
CA SER C 189 8.12 14.98 16.55
C SER C 189 8.68 14.96 15.13
N LEU C 190 8.21 14.02 14.32
CA LEU C 190 8.61 14.01 12.93
C LEU C 190 8.17 15.32 12.25
N SER C 191 6.93 15.72 12.47
CA SER C 191 6.46 16.97 11.88
C SER C 191 7.27 18.17 12.35
N LEU C 192 7.54 18.20 13.65
CA LEU C 192 8.36 19.27 14.22
C LEU C 192 9.73 19.32 13.56
N ALA C 193 10.31 18.15 13.28
CA ALA C 193 11.64 18.12 12.65
C ALA C 193 11.55 18.68 11.24
N LEU C 194 10.47 18.32 10.54
CA LEU C 194 10.27 18.88 9.20
C LEU C 194 10.19 20.41 9.25
N LYS C 195 9.51 20.94 10.27
CA LYS C 195 9.38 22.39 10.39
C LYS C 195 10.71 23.05 10.77
N MET C 196 11.52 22.35 11.56
CA MET C 196 12.84 22.85 11.93
C MET C 196 13.67 23.02 10.69
N HIS C 197 13.64 22.00 9.82
CA HIS C 197 14.30 22.09 8.53
C HIS C 197 13.74 23.28 7.73
N ASP C 198 12.42 23.39 7.71
CA ASP C 198 11.77 24.52 7.04
C ASP C 198 12.25 25.88 7.57
N LYS C 199 12.52 25.95 8.87
CA LYS C 199 12.99 27.17 9.48
C LYS C 199 14.47 27.07 9.81
N ASP C 200 15.23 26.49 8.88
CA ASP C 200 16.64 26.17 9.12
C ASP C 200 17.45 27.38 9.63
N ASP C 201 17.25 28.54 9.01
CA ASP C 201 17.96 29.76 9.41
C ASP C 201 17.72 30.19 10.85
N ALA C 202 16.48 30.14 11.31
CA ALA C 202 16.14 30.66 12.63
C ALA C 202 16.73 29.78 13.73
N PHE C 203 16.70 28.46 13.48
CA PHE C 203 17.29 27.54 14.43
C PHE C 203 18.81 27.66 14.37
N ALA C 204 19.37 27.91 13.19
CA ALA C 204 20.82 28.13 13.10
C ALA C 204 21.22 29.36 13.93
N ALA C 205 20.40 30.42 13.86
CA ALA C 205 20.64 31.63 14.65
C ALA C 205 20.62 31.34 16.15
N PHE C 206 19.64 30.55 16.58
CA PHE C 206 19.61 30.15 17.99
C PHE C 206 20.83 29.30 18.39
N HIS C 207 21.26 28.38 17.52
CA HIS C 207 22.46 27.59 17.74
C HIS C 207 23.65 28.51 18.00
N GLU C 208 23.81 29.50 17.12
CA GLU C 208 24.95 30.43 17.20
C GLU C 208 24.89 31.14 18.54
N THR C 209 23.67 31.55 18.92
CA THR C 209 23.49 32.26 20.19
C THR C 209 23.84 31.38 21.41
N LEU C 210 23.44 30.11 21.35
CA LEU C 210 23.74 29.12 22.39
C LEU C 210 25.26 28.89 22.50
N ARG C 211 25.93 28.86 21.35
CA ARG C 211 27.36 28.61 21.35
C ARG C 211 28.14 29.82 21.87
N ASN C 212 27.67 31.02 21.56
CA ASN C 212 28.34 32.23 22.04
C ASN C 212 27.93 32.66 23.45
N GLY C 213 26.98 31.93 24.04
CA GLY C 213 26.50 32.28 25.37
C GLY C 213 25.79 33.62 25.36
N GLY C 214 25.14 33.94 24.24
CA GLY C 214 24.48 35.23 24.07
C GLY C 214 23.08 35.35 24.69
N ASP C 215 22.47 36.51 24.49
CA ASP C 215 21.13 36.80 25.00
C ASP C 215 20.10 36.07 24.12
N PRO C 216 19.36 35.13 24.70
CA PRO C 216 18.38 34.33 23.94
C PRO C 216 17.05 35.03 23.77
N SER C 217 16.87 36.17 24.46
CA SER C 217 15.57 36.83 24.51
C SER C 217 15.15 37.43 23.17
N HIS C 218 16.10 37.51 22.24
CA HIS C 218 15.85 37.93 20.87
C HIS C 218 15.28 36.78 20.01
N HIS C 219 15.44 35.56 20.48
CA HIS C 219 15.04 34.37 19.72
C HIS C 219 13.76 33.74 20.25
N VAL C 220 13.60 33.79 21.57
CA VAL C 220 12.48 33.15 22.23
C VAL C 220 11.92 34.10 23.31
N SER C 221 10.71 33.83 23.78
CA SER C 221 10.00 34.73 24.70
C SER C 221 10.38 34.51 26.16
N ARG C 222 10.46 33.25 26.59
CA ARG C 222 10.85 32.92 27.96
C ARG C 222 11.99 31.91 27.96
N ALA C 223 13.11 32.26 28.59
CA ALA C 223 14.28 31.39 28.63
C ALA C 223 15.14 31.69 29.86
N GLN C 224 15.76 30.65 30.40
CA GLN C 224 16.73 30.85 31.48
C GLN C 224 17.69 29.68 31.51
N GLN C 225 18.88 29.87 32.07
CA GLN C 225 19.83 28.74 32.15
C GLN C 225 19.63 27.97 33.43
N THR C 226 19.79 26.65 33.36
CA THR C 226 19.69 25.82 34.54
C THR C 226 20.96 25.96 35.37
N GLU C 227 20.85 25.71 36.66
CA GLU C 227 21.94 25.94 37.60
C GLU C 227 23.00 24.86 37.47
N GLU C 228 22.57 23.63 37.25
CA GLU C 228 23.51 22.52 37.32
C GLU C 228 24.27 22.29 35.99
N LEU C 229 23.60 22.38 34.86
CA LEU C 229 24.29 22.12 33.59
C LEU C 229 24.40 23.36 32.70
N GLY C 230 23.72 24.43 33.08
CA GLY C 230 23.71 25.63 32.25
C GLY C 230 22.93 25.46 30.94
N ALA C 231 22.13 24.39 30.84
CA ALA C 231 21.22 24.22 29.70
C ALA C 231 20.25 25.40 29.62
N THR C 232 19.85 25.80 28.42
CA THR C 232 18.86 26.85 28.26
C THR C 232 17.44 26.27 28.22
N LEU C 233 16.71 26.45 29.30
CA LEU C 233 15.31 26.04 29.38
C LEU C 233 14.43 27.14 28.81
N VAL C 234 13.64 26.78 27.79
CA VAL C 234 12.79 27.74 27.13
C VAL C 234 11.33 27.45 27.45
N LEU C 235 10.75 28.24 28.35
CA LEU C 235 9.38 27.98 28.74
C LEU C 235 8.37 28.64 27.81
N ASP C 236 8.87 29.42 26.85
CA ASP C 236 8.01 29.97 25.81
C ASP C 236 8.86 30.24 24.59
N GLY C 237 8.71 29.38 23.59
CA GLY C 237 9.59 29.37 22.43
C GLY C 237 9.21 30.24 21.25
N ALA C 238 8.06 30.91 21.31
CA ALA C 238 7.72 31.87 20.26
C ALA C 238 8.67 33.05 20.34
N PRO C 239 9.07 33.62 19.18
CA PRO C 239 8.62 33.33 17.82
C PRO C 239 9.33 32.19 17.12
N LEU C 240 10.34 31.59 17.74
CA LEU C 240 11.03 30.46 17.14
C LEU C 240 10.05 29.31 16.95
N VAL C 241 9.31 28.98 18.01
CA VAL C 241 8.21 28.05 17.86
C VAL C 241 7.05 28.83 17.22
N ASP C 242 6.94 28.63 15.91
CA ASP C 242 6.07 29.28 14.95
C ASP C 242 4.60 28.86 15.01
N ALA C 243 3.72 29.64 14.38
CA ALA C 243 2.35 29.18 14.16
C ALA C 243 2.38 27.81 13.47
N ARG C 244 3.25 27.68 12.47
CA ARG C 244 3.34 26.43 11.70
C ARG C 244 3.78 25.23 12.55
N MET C 245 4.47 25.45 13.66
CA MET C 245 4.89 24.35 14.51
C MET C 245 3.80 23.94 15.47
N MET C 246 2.77 24.77 15.55
CA MET C 246 1.63 24.49 16.40
C MET C 246 0.43 23.88 15.67
N LYS C 247 0.57 23.62 14.36
CA LYS C 247 -0.57 23.21 13.52
C LYS C 247 -1.26 21.92 13.98
N HIS C 248 -0.51 21.02 14.63
CA HIS C 248 -1.07 19.72 14.98
C HIS C 248 -1.43 19.64 16.46
N GLY C 249 -1.44 20.81 17.13
CA GLY C 249 -1.91 20.89 18.49
C GLY C 249 -3.27 20.23 18.59
N GLN C 250 -3.43 19.31 19.52
CA GLN C 250 -4.63 18.49 19.60
C GLN C 250 -5.79 19.17 20.35
N ALA C 251 -5.45 20.01 21.32
CA ALA C 251 -6.47 20.74 22.06
C ALA C 251 -6.65 22.15 21.54
N ALA C 252 -7.88 22.46 21.10
CA ALA C 252 -8.22 23.82 20.71
C ALA C 252 -7.80 24.83 21.77
N SER C 253 -7.93 24.46 23.04
CA SER C 253 -7.60 25.37 24.13
C SER C 253 -6.08 25.68 24.14
N SER C 254 -5.26 24.71 23.75
CA SER C 254 -3.80 24.92 23.66
C SER C 254 -3.44 25.90 22.56
N VAL C 255 -4.08 25.72 21.43
CA VAL C 255 -3.86 26.55 20.28
C VAL C 255 -4.33 27.99 20.54
N SER C 256 -5.53 28.15 21.07
CA SER C 256 -6.01 29.51 21.33
C SER C 256 -5.21 30.15 22.48
N ARG C 257 -4.73 29.38 23.45
CA ARG C 257 -3.87 29.97 24.48
C ARG C 257 -2.54 30.47 23.88
N TYR C 258 -2.00 29.68 22.96
CA TYR C 258 -0.80 30.09 22.23
C TYR C 258 -1.04 31.39 21.48
N LEU C 259 -2.11 31.41 20.68
CA LEU C 259 -2.42 32.59 19.90
C LEU C 259 -2.72 33.82 20.75
N GLY C 260 -3.32 33.60 21.91
CA GLY C 260 -3.64 34.68 22.82
C GLY C 260 -2.36 35.24 23.38
N ASN C 261 -1.39 34.37 23.63
CA ASN C 261 -0.08 34.82 24.11
C ASN C 261 0.76 35.46 23.01
N HIS C 262 0.54 35.09 21.75
CA HIS C 262 1.32 35.67 20.67
C HIS C 262 0.45 36.08 19.48
N PRO C 263 -0.27 37.21 19.63
CA PRO C 263 -1.28 37.65 18.66
C PRO C 263 -0.70 37.79 17.24
N GLU C 264 0.57 38.15 17.14
CA GLU C 264 1.22 38.24 15.84
C GLU C 264 1.18 36.93 15.07
N GLN C 265 1.06 35.82 15.79
CA GLN C 265 1.00 34.51 15.15
C GLN C 265 -0.39 34.21 14.58
N SER C 266 -1.39 34.97 15.01
CA SER C 266 -2.77 34.64 14.67
C SER C 266 -3.14 34.99 13.25
N THR C 267 -2.31 35.79 12.57
CA THR C 267 -2.69 36.28 11.24
C THR C 267 -1.88 35.71 10.09
N VAL C 268 -0.85 34.92 10.39
CA VAL C 268 -0.08 34.33 9.31
C VAL C 268 -0.75 33.08 8.77
N PRO C 269 -0.71 32.90 7.45
CA PRO C 269 -1.22 31.67 6.83
C PRO C 269 -0.31 30.51 7.19
N VAL C 270 -0.87 29.38 7.58
CA VAL C 270 -0.04 28.23 7.95
C VAL C 270 -0.02 27.20 6.83
N ASN C 271 -0.69 27.51 5.73
CA ASN C 271 -0.64 26.65 4.54
C ASN C 271 -1.01 27.43 3.29
N LYS C 272 -1.09 26.74 2.15
CA LYS C 272 -1.39 27.42 0.90
C LYS C 272 -2.91 27.63 0.72
N ARG C 273 -3.71 27.13 1.65
CA ARG C 273 -5.15 27.38 1.62
C ARG C 273 -5.47 28.72 2.27
N ASN C 274 -4.42 29.38 2.74
CA ASN C 274 -4.53 30.68 3.40
C ASN C 274 -5.34 30.62 4.69
N GLU C 275 -5.33 29.47 5.36
CA GLU C 275 -5.90 29.36 6.69
C GLU C 275 -4.92 29.90 7.74
N THR C 276 -5.45 30.59 8.73
CA THR C 276 -4.66 30.92 9.91
C THR C 276 -4.60 29.68 10.77
N LEU C 277 -3.81 29.72 11.84
CA LEU C 277 -3.77 28.60 12.76
C LEU C 277 -5.15 28.29 13.36
N GLY C 278 -5.79 29.32 13.94
CA GLY C 278 -7.12 29.15 14.50
C GLY C 278 -8.10 28.46 13.57
N GLU C 279 -8.18 28.94 12.33
CA GLU C 279 -9.11 28.41 11.33
C GLU C 279 -8.84 26.95 10.98
N ARG C 280 -7.57 26.65 10.73
CA ARG C 280 -7.20 25.31 10.34
C ARG C 280 -7.52 24.34 11.47
N THR C 281 -7.20 24.77 12.70
CA THR C 281 -7.50 23.95 13.86
C THR C 281 -9.02 23.70 14.02
N THR C 282 -9.82 24.74 13.82
CA THR C 282 -11.25 24.53 14.00
C THR C 282 -11.78 23.58 12.91
N ARG C 283 -11.23 23.68 11.70
CA ARG C 283 -11.66 22.74 10.63
C ARG C 283 -11.41 21.27 11.00
N HIS C 284 -10.37 21.02 11.81
CA HIS C 284 -10.00 19.66 12.19
C HIS C 284 -10.66 19.11 13.45
N LEU C 285 -11.49 19.91 14.09
CA LEU C 285 -12.18 19.48 15.30
C LEU C 285 -13.11 18.30 15.09
N VAL C 286 -12.96 17.29 15.94
CA VAL C 286 -13.88 16.16 15.96
C VAL C 286 -14.28 15.93 17.40
N LYS C 287 -15.41 15.28 17.57
CA LYS C 287 -15.88 14.90 18.88
C LYS C 287 -15.90 13.39 18.95
N ARG C 288 -15.33 12.81 19.99
CA ARG C 288 -15.45 11.36 20.14
C ARG C 288 -15.01 10.78 21.46
N LYS C 289 -15.31 9.50 21.62
CA LYS C 289 -15.01 8.77 22.84
C LYS C 289 -13.56 8.32 22.87
N VAL C 290 -12.92 8.53 24.01
CA VAL C 290 -11.57 8.05 24.26
C VAL C 290 -11.58 7.47 25.66
N ARG C 291 -10.53 6.74 26.02
CA ARG C 291 -10.42 6.21 27.37
C ARG C 291 -10.45 7.35 28.37
N ASN C 292 -11.21 7.18 29.44
CA ASN C 292 -11.24 8.16 30.51
C ASN C 292 -9.88 8.19 31.17
N ARG C 293 -9.30 9.37 31.29
CA ARG C 293 -8.02 9.51 31.95
C ARG C 293 -8.09 10.69 32.89
N ALA C 294 -7.22 10.68 33.90
CA ALA C 294 -7.14 11.78 34.83
C ALA C 294 -6.78 13.06 34.10
N ASP C 295 -7.26 14.19 34.61
CA ASP C 295 -6.90 15.48 34.02
C ASP C 295 -5.66 16.07 34.67
N SER C 296 -5.30 17.28 34.24
CA SER C 296 -4.29 18.06 34.93
C SER C 296 -3.79 17.97 36.37
N GLU C 297 -4.68 18.16 37.33
CA GLU C 297 -4.35 18.23 38.77
C GLU C 297 -5.03 16.92 39.21
N GLY C 298 -4.89 15.89 38.39
CA GLY C 298 -5.19 14.51 38.80
C GLY C 298 -6.62 14.07 39.10
N ARG C 299 -7.61 14.72 38.51
CA ARG C 299 -9.00 14.33 38.71
C ARG C 299 -9.54 13.48 37.55
N VAL C 300 -10.29 12.43 37.87
CA VAL C 300 -10.89 11.57 36.84
C VAL C 300 -12.34 11.26 37.14
N THR C 301 -13.25 11.24 36.18
CA THR C 301 -14.59 10.89 36.55
C THR C 301 -14.77 9.40 36.48
N SER C 302 -16.01 8.98 36.55
CA SER C 302 -16.29 7.56 36.55
C SER C 302 -16.62 7.10 35.13
N GLY C 303 -16.50 5.80 34.90
CA GLY C 303 -16.75 5.27 33.57
C GLY C 303 -15.46 5.09 32.80
N GLU C 304 -15.42 4.08 31.94
CA GLU C 304 -14.20 3.73 31.22
C GLU C 304 -13.85 4.74 30.14
N THR C 305 -14.83 5.55 29.71
CA THR C 305 -14.60 6.47 28.60
C THR C 305 -15.10 7.88 28.88
N LYS C 306 -14.64 8.83 28.08
CA LYS C 306 -15.16 10.20 28.11
C LYS C 306 -15.24 10.66 26.67
N GLU C 307 -16.13 11.59 26.39
CA GLU C 307 -16.25 12.19 25.06
C GLU C 307 -15.53 13.50 25.09
N ILE C 308 -14.67 13.74 24.12
CA ILE C 308 -13.95 15.01 24.06
C ILE C 308 -14.02 15.59 22.67
N THR C 309 -13.70 16.87 22.58
CA THR C 309 -13.53 17.52 21.29
C THR C 309 -12.07 17.89 21.13
N PHE C 310 -11.45 17.46 20.02
CA PHE C 310 -10.04 17.75 19.80
C PHE C 310 -9.77 17.80 18.31
N SER C 311 -8.58 18.26 17.89
CA SER C 311 -8.18 18.37 16.50
C SER C 311 -7.57 17.08 16.04
N ASN C 312 -8.07 16.50 14.97
CA ASN C 312 -7.48 15.26 14.47
C ASN C 312 -6.39 15.45 13.42
N SER C 313 -5.78 16.62 13.43
CA SER C 313 -4.71 16.95 12.53
C SER C 313 -3.59 15.88 12.45
N VAL C 314 -3.13 15.41 13.59
CA VAL C 314 -1.99 14.49 13.60
C VAL C 314 -2.37 13.15 12.94
N GLU C 315 -3.61 12.72 13.12
CA GLU C 315 -4.17 11.52 12.47
C GLU C 315 -3.99 11.58 10.96
N GLN C 316 -4.47 12.70 10.45
CA GLN C 316 -4.43 12.99 9.03
C GLN C 316 -2.97 13.04 8.59
N LYS C 317 -2.14 13.65 9.42
CA LYS C 317 -0.70 13.73 9.13
C LYS C 317 -0.07 12.34 9.01
N ARG C 318 -0.39 11.45 9.94
CA ARG C 318 0.17 10.10 9.92
C ARG C 318 -0.21 9.43 8.60
N ILE C 319 -1.48 9.59 8.24
CA ILE C 319 -1.96 8.99 6.99
C ILE C 319 -1.23 9.58 5.75
N ALA C 320 -1.05 10.90 5.74
CA ALA C 320 -0.36 11.57 4.62
C ALA C 320 1.09 11.11 4.50
N LEU C 321 1.75 10.98 5.64
CA LEU C 321 3.15 10.56 5.67
C LEU C 321 3.26 9.13 5.17
N LEU C 322 2.32 8.28 5.59
CA LEU C 322 2.31 6.90 5.12
C LEU C 322 2.13 6.85 3.61
N ASN C 323 1.20 7.64 3.07
CA ASN C 323 1.01 7.75 1.62
C ASN C 323 2.33 8.13 0.89
N ARG C 324 2.99 9.18 1.40
CA ARG C 324 4.26 9.67 0.86
C ARG C 324 5.28 8.56 0.80
N ALA C 325 5.39 7.86 1.92
CA ALA C 325 6.39 6.81 2.09
C ALA C 325 6.13 5.63 1.16
N ALA C 326 4.86 5.25 1.02
CA ALA C 326 4.51 4.14 0.15
C ALA C 326 4.89 4.51 -1.28
N SER C 327 4.59 5.75 -1.66
CA SER C 327 4.93 6.20 -3.02
C SER C 327 6.46 6.12 -3.26
N TYR C 328 7.17 6.66 -2.27
CA TYR C 328 8.61 6.69 -2.33
C TYR C 328 9.13 5.27 -2.51
N VAL C 329 8.59 4.33 -1.75
CA VAL C 329 9.07 2.96 -1.80
C VAL C 329 8.74 2.34 -3.15
N ASN C 330 7.57 2.71 -3.69
CA ASN C 330 7.13 2.13 -4.95
C ASN C 330 8.12 2.49 -6.03
N SER C 331 8.83 3.61 -5.88
CA SER C 331 9.76 3.89 -6.99
C SER C 331 11.25 4.01 -6.63
N ALA C 332 11.63 3.58 -5.42
CA ALA C 332 13.02 3.70 -4.96
C ALA C 332 13.96 2.66 -5.57
N PRO C 333 15.24 3.06 -5.79
CA PRO C 333 16.27 2.13 -6.30
C PRO C 333 16.47 0.96 -5.34
N PRO C 334 16.94 -0.19 -5.86
CA PRO C 334 17.13 -1.44 -5.07
C PRO C 334 17.90 -1.32 -3.75
N PRO C 335 18.95 -0.48 -3.66
CA PRO C 335 19.62 -0.46 -2.35
C PRO C 335 18.73 0.15 -1.28
N VAL C 336 17.95 1.15 -1.66
CA VAL C 336 17.03 1.79 -0.72
C VAL C 336 15.98 0.77 -0.30
N VAL C 337 15.49 0.01 -1.29
CA VAL C 337 14.52 -1.02 -0.97
C VAL C 337 15.10 -2.02 0.02
N MET C 338 16.34 -2.45 -0.20
CA MET C 338 16.95 -3.44 0.69
C MET C 338 17.15 -2.88 2.11
N ARG C 339 17.60 -1.63 2.18
CA ARG C 339 17.73 -0.94 3.48
C ARG C 339 16.40 -0.85 4.23
N MET C 340 15.33 -0.47 3.52
CA MET C 340 14.02 -0.33 4.16
C MET C 340 13.47 -1.68 4.59
N ALA C 341 13.66 -2.70 3.76
CA ALA C 341 13.22 -4.04 4.11
C ALA C 341 13.95 -4.53 5.37
N LYS C 342 15.25 -4.27 5.48
CA LYS C 342 15.94 -4.66 6.71
C LYS C 342 15.45 -3.85 7.93
N LEU C 343 15.18 -2.56 7.75
CA LEU C 343 14.57 -1.79 8.86
C LEU C 343 13.24 -2.37 9.32
N LEU C 344 12.37 -2.73 8.37
CA LEU C 344 11.08 -3.32 8.72
C LEU C 344 11.27 -4.67 9.42
N GLN C 345 12.11 -5.52 8.86
CA GLN C 345 12.36 -6.84 9.44
C GLN C 345 12.88 -6.71 10.87
N ASP C 346 13.83 -5.82 11.08
CA ASP C 346 14.32 -5.56 12.43
C ASP C 346 13.24 -4.96 13.35
N SER C 347 12.34 -4.16 12.80
CA SER C 347 11.22 -3.60 13.60
C SER C 347 10.31 -4.68 14.13
N LEU C 348 9.91 -5.58 13.23
CA LEU C 348 8.93 -6.62 13.54
C LEU C 348 9.48 -7.68 14.50
N LEU C 349 10.80 -7.63 14.74
CA LEU C 349 11.46 -8.51 15.69
C LEU C 349 10.95 -8.34 17.12
N ASP C 350 10.23 -7.25 17.38
CA ASP C 350 9.75 -6.97 18.73
C ASP C 350 8.34 -7.50 18.92
N THR C 351 7.54 -7.41 17.87
CA THR C 351 6.14 -7.83 17.91
C THR C 351 5.83 -8.83 16.81
N LYS D 4 13.54 -3.05 43.99
CA LYS D 4 12.51 -2.74 44.98
C LYS D 4 11.23 -2.29 44.31
N VAL D 5 10.16 -3.06 44.50
CA VAL D 5 8.83 -2.64 44.09
C VAL D 5 7.96 -2.50 45.33
N LYS D 6 7.27 -1.36 45.43
CA LYS D 6 6.43 -1.06 46.58
C LYS D 6 4.99 -0.81 46.14
N LYS D 7 4.05 -1.29 46.95
CA LYS D 7 2.65 -0.99 46.76
C LYS D 7 2.12 -0.31 48.03
N VAL D 8 1.67 0.94 47.88
CA VAL D 8 1.18 1.70 49.03
C VAL D 8 -0.34 1.83 48.97
N VAL D 9 -1.01 1.32 50.00
CA VAL D 9 -2.47 1.22 50.05
C VAL D 9 -2.99 0.45 48.84
N ILE D 14 -0.89 7.71 48.24
CA ILE D 14 -0.79 9.12 48.59
C ILE D 14 -0.33 9.29 50.04
N ASP D 15 0.66 8.50 50.41
CA ASP D 15 1.35 8.66 51.69
C ASP D 15 2.81 8.44 51.39
N GLU D 16 3.17 8.79 50.16
CA GLU D 16 4.51 8.60 49.63
C GLU D 16 5.54 9.19 50.59
N GLY D 17 6.65 8.48 50.72
CA GLY D 17 7.76 8.90 51.54
C GLY D 17 8.99 8.20 51.06
N ASP D 18 10.09 8.92 50.97
CA ASP D 18 11.32 8.36 50.45
C ASP D 18 12.52 8.88 51.23
N LEU D 19 13.49 8.01 51.50
CA LEU D 19 14.69 8.44 52.21
C LEU D 19 15.68 9.16 51.30
N TRP D 20 15.30 9.37 50.05
CA TRP D 20 16.22 9.94 49.06
C TRP D 20 15.70 11.22 48.44
N THR D 21 16.55 11.86 47.63
CA THR D 21 16.17 13.07 46.91
C THR D 21 16.13 12.78 45.41
N TRP D 22 15.11 13.31 44.74
CA TRP D 22 14.79 12.96 43.36
C TRP D 22 14.54 14.16 42.45
N ARG D 23 14.86 13.98 41.17
CA ARG D 23 14.55 14.98 40.16
C ARG D 23 13.70 14.34 39.05
N LYS D 24 12.91 15.15 38.37
CA LYS D 24 11.97 14.64 37.37
C LYS D 24 12.65 14.19 36.09
N TYR D 25 12.15 13.12 35.50
CA TYR D 25 12.65 12.65 34.21
C TYR D 25 11.52 12.63 33.19
N GLY D 26 10.33 12.26 33.64
CA GLY D 26 9.23 12.17 32.70
C GLY D 26 7.88 12.11 33.38
N GLN D 27 6.83 12.21 32.58
CA GLN D 27 5.46 12.17 33.07
C GLN D 27 4.56 11.98 31.88
N LYS D 28 3.97 10.80 31.77
CA LYS D 28 3.27 10.49 30.55
C LYS D 28 2.05 9.60 30.78
N ASP D 29 1.05 9.77 29.94
CA ASP D 29 -0.08 8.86 29.94
C ASP D 29 0.38 7.51 29.44
N ILE D 30 -0.31 6.47 29.87
CA ILE D 30 0.08 5.09 29.58
C ILE D 30 -1.09 4.30 28.99
N LEU D 31 -0.78 3.52 27.95
CA LEU D 31 -1.71 2.55 27.36
C LEU D 31 -2.47 1.82 28.45
N GLY D 32 -3.80 1.84 28.37
CA GLY D 32 -4.63 1.02 29.23
C GLY D 32 -4.82 1.55 30.64
N SER D 33 -4.25 2.71 30.94
CA SER D 33 -4.36 3.22 32.29
C SER D 33 -5.06 4.58 32.36
N ARG D 34 -5.77 4.80 33.46
CA ARG D 34 -6.45 6.07 33.69
C ARG D 34 -5.49 7.09 34.31
N PHE D 35 -4.39 6.59 34.86
CA PHE D 35 -3.44 7.43 35.58
C PHE D 35 -2.07 7.45 34.92
N PRO D 36 -1.43 8.63 34.89
CA PRO D 36 -0.13 8.81 34.26
C PRO D 36 0.99 8.21 35.08
N ARG D 37 2.10 7.87 34.42
CA ARG D 37 3.29 7.41 35.10
C ARG D 37 4.32 8.55 35.20
N GLY D 38 4.90 8.68 36.39
CA GLY D 38 5.95 9.65 36.64
C GLY D 38 7.31 8.97 36.71
N TYR D 39 8.30 9.58 36.08
CA TYR D 39 9.66 9.04 36.03
C TYR D 39 10.61 10.00 36.73
N TYR D 40 11.41 9.45 37.65
CA TYR D 40 12.36 10.20 38.47
C TYR D 40 13.75 9.60 38.40
N ARG D 41 14.76 10.44 38.64
CA ARG D 41 16.15 9.99 38.76
C ARG D 41 16.78 10.70 39.95
N CYS D 42 17.89 10.17 40.48
CA CYS D 42 18.46 10.71 41.71
C CYS D 42 18.97 12.14 41.54
N ALA D 43 18.82 12.94 42.59
CA ALA D 43 19.30 14.31 42.58
C ALA D 43 20.83 14.35 42.46
N TYR D 44 21.47 13.22 42.73
CA TYR D 44 22.93 13.14 42.64
C TYR D 44 23.39 12.32 41.43
N LYS D 45 22.56 12.32 40.39
CA LYS D 45 22.92 11.66 39.15
C LYS D 45 24.15 12.31 38.51
N PHE D 46 24.19 13.64 38.54
CA PHE D 46 25.22 14.37 37.83
C PHE D 46 26.49 14.46 38.67
N THR D 47 26.33 14.90 39.91
CA THR D 47 27.46 15.09 40.82
C THR D 47 28.16 13.78 41.17
N HIS D 48 27.38 12.71 41.35
CA HIS D 48 27.95 11.45 41.79
C HIS D 48 27.84 10.29 40.80
N GLY D 49 27.22 10.53 39.65
CA GLY D 49 27.01 9.46 38.69
C GLY D 49 26.02 8.40 39.15
N CYS D 50 25.23 8.71 40.18
CA CYS D 50 24.26 7.77 40.74
C CYS D 50 23.24 7.34 39.67
N LYS D 51 22.96 6.03 39.62
CA LYS D 51 22.11 5.46 38.56
C LYS D 51 20.68 5.20 39.04
N ALA D 52 20.41 5.53 40.29
CA ALA D 52 19.12 5.22 40.90
C ALA D 52 17.97 5.98 40.23
N THR D 53 16.95 5.24 39.79
CA THR D 53 15.75 5.83 39.22
C THR D 53 14.50 5.29 39.92
N LYS D 54 13.39 6.00 39.81
CA LYS D 54 12.14 5.40 40.26
C LYS D 54 10.96 5.85 39.42
N GLN D 55 9.97 4.97 39.28
CA GLN D 55 8.77 5.31 38.54
C GLN D 55 7.56 5.09 39.45
N VAL D 56 6.62 6.02 39.36
CA VAL D 56 5.47 6.08 40.24
C VAL D 56 4.18 6.12 39.42
N GLN D 57 3.25 5.21 39.70
CA GLN D 57 1.99 5.20 38.99
C GLN D 57 0.84 4.71 39.85
N ARG D 58 -0.19 5.53 39.99
CA ARG D 58 -1.41 5.16 40.69
C ARG D 58 -2.09 3.97 39.99
N SER D 59 -2.48 2.97 40.77
CA SER D 59 -2.99 1.72 40.21
C SER D 59 -4.33 1.85 39.49
N GLU D 60 -4.41 1.25 38.31
CA GLU D 60 -5.64 1.25 37.53
C GLU D 60 -6.78 0.52 38.25
N THR D 61 -6.53 -0.75 38.59
CA THR D 61 -7.56 -1.60 39.20
C THR D 61 -8.03 -1.09 40.56
N ASP D 62 -7.08 -0.80 41.45
CA ASP D 62 -7.40 -0.24 42.75
C ASP D 62 -6.89 1.20 42.85
N SER D 63 -7.80 2.17 42.73
CA SER D 63 -7.44 3.58 42.72
C SER D 63 -6.76 4.04 44.02
N ASN D 64 -6.86 3.20 45.05
CA ASN D 64 -6.29 3.51 46.35
C ASN D 64 -4.81 3.12 46.40
N MET D 65 -4.41 2.20 45.53
CA MET D 65 -3.04 1.71 45.52
C MET D 65 -2.11 2.55 44.63
N LEU D 66 -0.93 2.84 45.17
CA LEU D 66 0.14 3.50 44.43
C LEU D 66 1.21 2.45 44.15
N ALA D 67 1.62 2.34 42.90
CA ALA D 67 2.70 1.42 42.51
C ALA D 67 4.01 2.18 42.30
N ILE D 68 5.07 1.69 42.93
CA ILE D 68 6.36 2.35 42.82
C ILE D 68 7.43 1.33 42.48
N THR D 69 8.21 1.62 41.44
CA THR D 69 9.31 0.74 41.07
C THR D 69 10.62 1.49 41.22
N TYR D 70 11.55 0.93 42.00
CA TYR D 70 12.88 1.49 42.16
C TYR D 70 13.89 0.69 41.36
N LEU D 71 14.73 1.36 40.59
CA LEU D 71 15.73 0.64 39.80
C LEU D 71 17.14 1.17 40.06
N SER D 72 18.09 0.24 40.16
CA SER D 72 19.49 0.51 40.48
C SER D 72 19.69 1.07 41.89
N GLU D 73 20.91 0.93 42.40
CA GLU D 73 21.22 1.29 43.77
C GLU D 73 21.91 2.65 43.83
N HIS D 74 21.67 3.39 44.91
CA HIS D 74 22.40 4.63 45.13
C HIS D 74 23.87 4.35 45.42
N ASN D 75 24.77 5.16 44.86
CA ASN D 75 26.19 5.02 45.13
C ASN D 75 26.69 6.07 46.11
N HIS D 76 25.87 6.37 47.12
CA HIS D 76 26.19 7.39 48.11
C HIS D 76 25.25 7.23 49.30
N PRO D 77 25.65 7.74 50.48
CA PRO D 77 24.79 7.64 51.66
C PRO D 77 23.52 8.45 51.53
N ARG D 78 22.57 8.23 52.44
CA ARG D 78 21.34 9.02 52.49
C ARG D 78 21.66 10.50 52.66
N PRO D 79 20.94 11.37 51.94
CA PRO D 79 21.14 12.83 52.01
C PRO D 79 20.83 13.40 53.39
N THR D 80 21.85 13.46 54.24
CA THR D 80 21.68 13.98 55.60
C THR D 80 21.69 15.51 55.58
#